data_6DRT
#
_entry.id   6DRT
#
_cell.length_a   63.757
_cell.length_b   90.950
_cell.length_c   151.403
_cell.angle_alpha   90.00
_cell.angle_beta   90.00
_cell.angle_gamma   90.00
#
_symmetry.space_group_name_H-M   'P 21 21 21'
#
loop_
_entity.id
_entity.type
_entity.pdbx_description
1 polymer 'DNA polymerase clamp'
2 polymer 'GP45 recognition loop'
3 non-polymer 1,2-ETHANEDIOL
4 water water
#
loop_
_entity_poly.entity_id
_entity_poly.type
_entity_poly.pdbx_seq_one_letter_code
_entity_poly.pdbx_strand_id
1 'polypeptide(L)'
;MKLSKDTTALLKNFATINSGIMLKSGQFIMTRAVNGTTYAEANISDVIDFDVAIYDLNGFLGILSLVNDDAEISQSEDGN
IKIADARSTIFWPAADPSTVVAPNKPIPFPVASAVTEIKAEDLQQLLRVSRGLQIDTIAITVKEGKIVINGFNKVEDSAL
TRVKYSLTLGDYDGENTFNFIINMANMKMQPGNYKLLLWAKGKQGAAKFEGEHANYVVALEADSTHDFLEHHHHHH
;
A,B,C
2 'polypeptide(L)' KKEPEGLDFLFDA D,E,F
#
# COMPACT_ATOMS: atom_id res chain seq x y z
N MET A 1 -5.12 26.70 22.08
CA MET A 1 -5.85 25.50 22.46
C MET A 1 -5.00 24.25 22.28
N LYS A 2 -5.43 23.14 22.89
CA LYS A 2 -4.80 21.85 22.73
C LYS A 2 -5.86 20.84 22.33
N LEU A 3 -5.50 19.95 21.40
CA LEU A 3 -6.41 18.93 20.90
C LEU A 3 -5.81 17.56 21.18
N SER A 4 -6.48 16.79 22.03
CA SER A 4 -6.00 15.45 22.40
C SER A 4 -6.14 14.49 21.21
N LYS A 5 -5.64 13.28 21.40
CA LYS A 5 -5.73 12.28 20.34
C LYS A 5 -7.17 11.83 20.10
N ASP A 6 -8.01 11.87 21.14
CA ASP A 6 -9.42 11.52 20.96
C ASP A 6 -10.15 12.57 20.12
N THR A 7 -9.84 13.85 20.34
CA THR A 7 -10.51 14.90 19.58
C THR A 7 -10.06 14.90 18.12
N THR A 8 -8.75 14.74 17.88
CA THR A 8 -8.27 14.69 16.50
C THR A 8 -8.77 13.44 15.77
N ALA A 9 -8.96 12.34 16.50
CA ALA A 9 -9.54 11.15 15.89
C ALA A 9 -10.98 11.41 15.45
N LEU A 10 -11.77 12.10 16.28
CA LEU A 10 -13.12 12.47 15.89
C LEU A 10 -13.10 13.43 14.71
N LEU A 11 -12.19 14.40 14.72
CA LEU A 11 -12.07 15.33 13.60
C LEU A 11 -11.70 14.60 12.31
N LYS A 12 -10.85 13.58 12.42
CA LYS A 12 -10.49 12.80 11.23
C LYS A 12 -11.70 12.08 10.67
N ASN A 13 -12.55 11.54 11.54
CA ASN A 13 -13.81 10.96 11.08
C ASN A 13 -14.72 12.02 10.50
N PHE A 14 -14.78 13.20 11.12
CA PHE A 14 -15.61 14.29 10.58
C PHE A 14 -15.11 14.72 9.21
N ALA A 15 -13.82 14.52 8.92
CA ALA A 15 -13.27 14.91 7.62
C ALA A 15 -13.77 14.00 6.50
N THR A 16 -14.23 12.79 6.81
CA THR A 16 -14.80 11.94 5.78
C THR A 16 -16.19 12.41 5.36
N ILE A 17 -16.86 13.20 6.20
CA ILE A 17 -18.17 13.74 5.86
C ILE A 17 -18.04 15.05 5.09
N ASN A 18 -17.13 15.93 5.54
CA ASN A 18 -16.87 17.20 4.89
C ASN A 18 -15.38 17.45 4.93
N SER A 19 -14.80 17.84 3.79
CA SER A 19 -13.36 18.09 3.73
C SER A 19 -12.95 19.23 4.65
N GLY A 20 -13.84 20.20 4.87
CA GLY A 20 -13.58 21.30 5.76
C GLY A 20 -14.48 21.26 6.99
N ILE A 21 -14.20 22.18 7.92
CA ILE A 21 -14.99 22.27 9.13
C ILE A 21 -14.86 23.70 9.67
N MET A 22 -15.88 24.14 10.40
CA MET A 22 -15.87 25.43 11.08
C MET A 22 -15.79 25.16 12.58
N LEU A 23 -14.64 25.47 13.18
CA LEU A 23 -14.46 25.31 14.62
C LEU A 23 -14.93 26.57 15.33
N LYS A 24 -15.82 26.38 16.31
CA LYS A 24 -16.32 27.47 17.13
C LYS A 24 -15.88 27.28 18.57
N SER A 25 -15.69 28.39 19.28
CA SER A 25 -15.18 28.33 20.63
C SER A 25 -16.17 27.62 21.56
N GLY A 26 -15.65 26.70 22.37
CA GLY A 26 -16.45 25.91 23.27
C GLY A 26 -15.92 24.50 23.33
N GLN A 27 -16.79 23.56 23.69
CA GLN A 27 -16.45 22.14 23.77
C GLN A 27 -17.40 21.32 22.90
N PHE A 28 -17.69 21.80 21.70
CA PHE A 28 -18.64 21.16 20.81
C PHE A 28 -18.18 21.32 19.38
N ILE A 29 -18.18 20.21 18.62
CA ILE A 29 -17.84 20.23 17.20
C ILE A 29 -18.98 19.60 16.43
N MET A 30 -19.19 20.09 15.22
CA MET A 30 -20.21 19.54 14.33
C MET A 30 -19.81 19.78 12.89
N THR A 31 -20.42 19.01 12.00
CA THR A 31 -20.15 19.14 10.57
C THR A 31 -21.35 18.61 9.79
N ARG A 32 -21.42 19.00 8.52
CA ARG A 32 -22.46 18.53 7.62
C ARG A 32 -21.85 18.32 6.25
N ALA A 33 -22.36 17.31 5.53
CA ALA A 33 -21.93 17.08 4.17
C ALA A 33 -22.30 18.27 3.29
N VAL A 34 -21.52 18.47 2.22
CA VAL A 34 -21.79 19.58 1.32
C VAL A 34 -23.19 19.47 0.72
N ASN A 35 -23.61 18.25 0.35
CA ASN A 35 -24.95 18.07 -0.18
C ASN A 35 -26.02 18.06 0.89
N GLY A 36 -25.65 18.10 2.17
CA GLY A 36 -26.60 18.21 3.24
C GLY A 36 -27.31 16.93 3.65
N THR A 37 -26.83 15.78 3.20
CA THR A 37 -27.47 14.51 3.51
C THR A 37 -26.93 13.86 4.77
N THR A 38 -25.81 14.34 5.30
CA THR A 38 -25.18 13.73 6.48
C THR A 38 -24.76 14.83 7.45
N TYR A 39 -24.88 14.53 8.74
CA TYR A 39 -24.54 15.47 9.80
C TYR A 39 -23.90 14.70 10.96
N ALA A 40 -22.91 15.32 11.60
CA ALA A 40 -22.26 14.73 12.75
C ALA A 40 -22.04 15.79 13.81
N GLU A 41 -21.98 15.34 15.07
CA GLU A 41 -21.80 16.23 16.20
C GLU A 41 -21.15 15.44 17.33
N ALA A 42 -20.43 16.15 18.19
CA ALA A 42 -19.74 15.49 19.30
C ALA A 42 -19.38 16.53 20.36
N ASN A 43 -19.53 16.13 21.63
CA ASN A 43 -19.00 16.90 22.74
C ASN A 43 -17.57 16.45 23.01
N ILE A 44 -16.65 17.41 23.05
CA ILE A 44 -15.24 17.10 23.21
C ILE A 44 -14.77 17.54 24.60
N SER A 45 -13.67 16.94 25.04
CA SER A 45 -13.08 17.28 26.32
C SER A 45 -12.16 18.49 26.24
N ASP A 46 -11.74 18.88 25.03
CA ASP A 46 -10.85 20.01 24.84
C ASP A 46 -11.66 21.30 24.68
N VAL A 47 -11.04 22.41 25.05
CA VAL A 47 -11.67 23.72 24.99
C VAL A 47 -11.15 24.44 23.75
N ILE A 48 -12.05 24.67 22.80
CA ILE A 48 -11.74 25.51 21.64
C ILE A 48 -11.84 26.96 22.07
N ASP A 49 -10.76 27.72 21.89
CA ASP A 49 -10.68 29.07 22.41
C ASP A 49 -10.74 30.16 21.34
N PHE A 50 -10.89 29.79 20.07
CA PHE A 50 -11.11 30.79 19.03
C PHE A 50 -11.80 30.13 17.84
N ASP A 51 -12.55 30.94 17.09
CA ASP A 51 -13.26 30.47 15.91
C ASP A 51 -12.34 30.49 14.70
N VAL A 52 -12.40 29.44 13.89
CA VAL A 52 -11.57 29.34 12.70
C VAL A 52 -12.20 28.32 11.74
N ALA A 53 -12.19 28.66 10.46
CA ALA A 53 -12.56 27.74 9.40
C ALA A 53 -11.30 27.11 8.83
N ILE A 54 -11.34 25.79 8.65
CA ILE A 54 -10.22 25.02 8.11
C ILE A 54 -10.69 24.38 6.82
N TYR A 55 -10.10 24.77 5.69
CA TYR A 55 -10.56 24.26 4.41
C TYR A 55 -10.15 22.80 4.21
N ASP A 56 -8.93 22.45 4.57
CA ASP A 56 -8.40 21.10 4.40
C ASP A 56 -8.15 20.51 5.78
N LEU A 57 -9.23 19.97 6.37
CA LEU A 57 -9.12 19.41 7.71
C LEU A 57 -8.21 18.19 7.75
N ASN A 58 -8.24 17.38 6.70
CA ASN A 58 -7.38 16.19 6.65
C ASN A 58 -5.91 16.58 6.65
N GLY A 59 -5.54 17.60 5.88
CA GLY A 59 -4.15 18.03 5.87
C GLY A 59 -3.75 18.70 7.18
N PHE A 60 -4.67 19.44 7.79
CA PHE A 60 -4.38 20.06 9.08
C PHE A 60 -4.14 19.01 10.15
N LEU A 61 -4.98 17.97 10.19
CA LEU A 61 -4.78 16.90 11.16
C LEU A 61 -3.52 16.10 10.87
N GLY A 62 -3.20 15.91 9.59
CA GLY A 62 -1.94 15.27 9.25
C GLY A 62 -0.74 16.03 9.75
N ILE A 63 -0.82 17.37 9.76
CA ILE A 63 0.27 18.17 10.28
C ILE A 63 0.29 18.14 11.80
N LEU A 64 -0.87 17.93 12.44
CA LEU A 64 -0.92 17.83 13.90
C LEU A 64 -0.26 16.55 14.40
N SER A 65 -0.36 15.46 13.64
CA SER A 65 0.26 14.21 14.04
C SER A 65 1.78 14.24 13.96
N LEU A 66 2.36 15.35 13.51
CA LEU A 66 3.81 15.47 13.39
C LEU A 66 4.43 16.32 14.49
N VAL A 67 3.61 16.86 15.40
CA VAL A 67 4.09 17.63 16.54
C VAL A 67 3.71 16.90 17.82
N ASN A 68 4.28 17.34 18.93
CA ASN A 68 3.97 16.76 20.23
C ASN A 68 2.51 17.01 20.60
N ASP A 69 1.99 16.18 21.50
CA ASP A 69 0.59 16.25 21.86
C ASP A 69 0.25 17.54 22.61
N ASP A 70 1.21 18.10 23.36
CA ASP A 70 0.99 19.32 24.11
C ASP A 70 1.24 20.58 23.29
N ALA A 71 1.20 20.47 21.96
CA ALA A 71 1.41 21.64 21.12
C ALA A 71 0.21 22.58 21.20
N GLU A 72 0.50 23.87 21.28
CA GLU A 72 -0.53 24.89 21.41
C GLU A 72 -0.98 25.37 20.04
N ILE A 73 -2.30 25.38 19.82
CA ILE A 73 -2.89 25.87 18.58
C ILE A 73 -3.51 27.23 18.87
N SER A 74 -3.02 28.26 18.20
CA SER A 74 -3.48 29.63 18.41
C SER A 74 -3.61 30.34 17.08
N GLN A 75 -4.04 31.59 17.13
CA GLN A 75 -4.18 32.43 15.95
C GLN A 75 -2.85 33.12 15.68
N SER A 76 -2.31 32.94 14.48
CA SER A 76 -1.08 33.61 14.12
C SER A 76 -1.34 35.11 13.91
N GLU A 77 -0.26 35.88 13.97
CA GLU A 77 -0.40 37.33 13.83
C GLU A 77 -0.91 37.74 12.46
N ASP A 78 -0.59 36.97 11.42
CA ASP A 78 -1.03 37.28 10.07
C ASP A 78 -2.44 36.78 9.77
N GLY A 79 -3.20 36.38 10.80
CA GLY A 79 -4.57 35.97 10.61
C GLY A 79 -4.79 34.51 10.29
N ASN A 80 -3.80 33.65 10.55
CA ASN A 80 -3.95 32.23 10.27
C ASN A 80 -3.80 31.40 11.55
N ILE A 81 -3.39 30.15 11.42
CA ILE A 81 -3.28 29.22 12.53
C ILE A 81 -1.82 29.00 12.84
N LYS A 82 -1.46 29.09 14.13
CA LYS A 82 -0.12 28.83 14.60
C LYS A 82 -0.14 27.57 15.46
N ILE A 83 0.78 26.64 15.17
CA ILE A 83 0.92 25.40 15.93
C ILE A 83 2.32 25.44 16.54
N ALA A 84 2.39 25.70 17.85
CA ALA A 84 3.65 25.90 18.54
C ALA A 84 4.01 24.64 19.32
N ASP A 85 5.13 24.03 18.96
CA ASP A 85 5.67 22.88 19.66
C ASP A 85 6.81 23.35 20.58
N ALA A 86 7.57 22.40 21.12
CA ALA A 86 8.67 22.76 22.00
C ALA A 86 9.80 23.44 21.24
N ARG A 87 10.20 22.86 20.11
CA ARG A 87 11.31 23.39 19.30
C ARG A 87 10.90 23.74 17.88
N SER A 88 9.61 23.68 17.56
CA SER A 88 9.16 23.92 16.19
C SER A 88 7.86 24.70 16.20
N THR A 89 7.59 25.35 15.07
CA THR A 89 6.38 26.13 14.86
C THR A 89 5.90 25.91 13.44
N ILE A 90 4.60 25.63 13.30
CA ILE A 90 3.98 25.36 12.00
C ILE A 90 2.82 26.33 11.81
N PHE A 91 2.73 26.90 10.61
CA PHE A 91 1.64 27.80 10.25
C PHE A 91 0.72 27.11 9.25
N TRP A 92 -0.57 27.13 9.53
CA TRP A 92 -1.59 26.56 8.66
C TRP A 92 -2.62 27.62 8.29
N PRO A 93 -3.03 27.68 7.02
CA PRO A 93 -3.94 28.74 6.59
C PRO A 93 -5.31 28.64 7.24
N ALA A 94 -5.82 29.80 7.67
CA ALA A 94 -7.19 29.91 8.15
C ALA A 94 -8.08 30.34 6.98
N ALA A 95 -9.09 29.54 6.68
CA ALA A 95 -9.89 29.77 5.50
C ALA A 95 -10.97 30.82 5.76
N ASP A 96 -11.40 31.47 4.69
CA ASP A 96 -12.58 32.31 4.76
C ASP A 96 -13.79 31.45 5.06
N PRO A 97 -14.60 31.78 6.08
CA PRO A 97 -15.73 30.91 6.44
C PRO A 97 -16.72 30.67 5.30
N SER A 98 -16.77 31.54 4.31
CA SER A 98 -17.68 31.36 3.18
C SER A 98 -17.23 30.24 2.24
N THR A 99 -15.98 29.78 2.35
CA THR A 99 -15.47 28.70 1.52
C THR A 99 -15.67 27.33 2.15
N VAL A 100 -16.24 27.25 3.34
CA VAL A 100 -16.47 26.00 4.04
C VAL A 100 -17.97 25.90 4.36
N VAL A 101 -18.57 24.77 3.99
CA VAL A 101 -19.97 24.51 4.32
C VAL A 101 -20.04 23.98 5.74
N ALA A 102 -20.85 24.63 6.57
CA ALA A 102 -20.98 24.29 7.98
C ALA A 102 -22.42 24.46 8.41
N PRO A 103 -22.86 23.69 9.41
CA PRO A 103 -24.23 23.87 9.91
C PRO A 103 -24.38 25.17 10.67
N ASN A 104 -25.52 25.83 10.48
CA ASN A 104 -25.78 27.07 11.21
C ASN A 104 -26.13 26.82 12.67
N LYS A 105 -26.56 25.60 13.00
CA LYS A 105 -26.97 25.28 14.36
C LYS A 105 -26.99 23.75 14.49
N PRO A 106 -26.85 23.23 15.71
CA PRO A 106 -26.97 21.77 15.89
C PRO A 106 -28.39 21.31 15.57
N ILE A 107 -28.50 20.07 15.13
CA ILE A 107 -29.78 19.50 14.72
C ILE A 107 -30.57 19.05 15.95
N PRO A 108 -31.77 19.61 16.17
CA PRO A 108 -32.65 19.06 17.22
C PRO A 108 -33.49 17.91 16.69
N PHE A 109 -33.04 16.68 16.95
CA PHE A 109 -33.71 15.52 16.38
C PHE A 109 -35.04 15.28 17.08
N PRO A 110 -36.13 15.06 16.34
CA PRO A 110 -37.44 14.82 16.98
C PRO A 110 -37.44 13.48 17.71
N VAL A 111 -38.51 13.27 18.49
CA VAL A 111 -38.64 12.00 19.19
C VAL A 111 -38.82 10.89 18.16
N ALA A 112 -38.14 9.77 18.40
CA ALA A 112 -38.03 8.74 17.38
C ALA A 112 -39.35 8.02 17.18
N SER A 113 -39.65 7.69 15.92
CA SER A 113 -40.80 6.84 15.63
C SER A 113 -40.50 5.39 15.99
N ALA A 114 -39.25 4.96 15.81
CA ALA A 114 -38.83 3.61 16.16
C ALA A 114 -37.39 3.68 16.66
N VAL A 115 -37.07 2.85 17.65
CA VAL A 115 -35.75 2.84 18.28
C VAL A 115 -35.19 1.43 18.22
N THR A 116 -33.92 1.32 17.82
CA THR A 116 -33.22 0.04 17.84
C THR A 116 -31.73 0.33 18.04
N GLU A 117 -30.93 -0.73 18.00
CA GLU A 117 -29.49 -0.60 18.23
C GLU A 117 -28.74 -1.48 17.24
N ILE A 118 -27.49 -1.11 16.99
CA ILE A 118 -26.59 -1.88 16.14
C ILE A 118 -25.26 -2.03 16.87
N LYS A 119 -24.71 -3.24 16.89
CA LYS A 119 -23.48 -3.50 17.60
C LYS A 119 -22.28 -3.16 16.73
N ALA A 120 -21.14 -2.94 17.39
CA ALA A 120 -19.93 -2.51 16.69
C ALA A 120 -19.52 -3.53 15.64
N GLU A 121 -19.50 -4.81 16.00
CA GLU A 121 -19.08 -5.84 15.04
C GLU A 121 -20.09 -5.99 13.91
N ASP A 122 -21.37 -5.72 14.17
CA ASP A 122 -22.37 -5.79 13.10
C ASP A 122 -22.26 -4.60 12.16
N LEU A 123 -22.05 -3.39 12.73
CA LEU A 123 -21.78 -2.23 11.89
C LEU A 123 -20.52 -2.42 11.07
N GLN A 124 -19.49 -3.02 11.67
CA GLN A 124 -18.25 -3.28 10.95
C GLN A 124 -18.47 -4.23 9.78
N GLN A 125 -19.27 -5.28 9.99
CA GLN A 125 -19.55 -6.21 8.90
C GLN A 125 -20.36 -5.55 7.81
N LEU A 126 -21.34 -4.72 8.18
CA LEU A 126 -22.16 -4.03 7.18
C LEU A 126 -21.30 -3.16 6.27
N LEU A 127 -20.37 -2.40 6.84
CA LEU A 127 -19.55 -1.50 6.04
C LEU A 127 -18.61 -2.27 5.12
N ARG A 128 -18.03 -3.37 5.61
CA ARG A 128 -17.05 -4.11 4.83
C ARG A 128 -17.71 -5.02 3.80
N VAL A 129 -18.87 -5.60 4.11
CA VAL A 129 -19.57 -6.42 3.14
C VAL A 129 -20.13 -5.57 2.01
N SER A 130 -20.55 -4.33 2.32
CA SER A 130 -21.12 -3.47 1.29
C SER A 130 -20.11 -3.17 0.19
N ARG A 131 -18.82 -3.06 0.54
CA ARG A 131 -17.81 -2.79 -0.47
C ARG A 131 -17.63 -3.98 -1.41
N GLY A 132 -17.60 -5.19 -0.86
CA GLY A 132 -17.44 -6.38 -1.70
C GLY A 132 -18.68 -6.77 -2.46
N LEU A 133 -19.86 -6.50 -1.91
CA LEU A 133 -21.12 -6.81 -2.57
C LEU A 133 -21.63 -5.67 -3.46
N GLN A 134 -20.90 -4.57 -3.53
CA GLN A 134 -21.33 -3.39 -4.30
C GLN A 134 -22.68 -2.89 -3.82
N ILE A 135 -22.87 -2.86 -2.51
CA ILE A 135 -24.10 -2.37 -1.91
C ILE A 135 -24.02 -0.86 -1.77
N ASP A 136 -24.90 -0.16 -2.46
CA ASP A 136 -24.97 1.30 -2.39
C ASP A 136 -26.20 1.80 -1.65
N THR A 137 -27.08 0.89 -1.22
CA THR A 137 -28.36 1.27 -0.63
C THR A 137 -28.74 0.25 0.43
N ILE A 138 -29.19 0.73 1.58
CA ILE A 138 -29.70 -0.13 2.64
C ILE A 138 -31.13 0.29 2.97
N ALA A 139 -31.90 -0.67 3.46
CA ALA A 139 -33.28 -0.43 3.89
C ALA A 139 -33.45 -0.98 5.30
N ILE A 140 -33.91 -0.14 6.21
CA ILE A 140 -34.18 -0.54 7.58
C ILE A 140 -35.68 -0.75 7.70
N THR A 141 -36.10 -2.02 7.80
CA THR A 141 -37.51 -2.38 7.76
C THR A 141 -37.80 -3.38 8.87
N VAL A 142 -39.05 -3.82 8.93
CA VAL A 142 -39.53 -4.79 9.91
C VAL A 142 -39.83 -6.09 9.20
N LYS A 143 -39.37 -7.20 9.76
CA LYS A 143 -39.59 -8.51 9.17
C LYS A 143 -39.76 -9.52 10.30
N GLU A 144 -40.98 -10.07 10.43
CA GLU A 144 -41.28 -11.12 11.40
C GLU A 144 -40.96 -10.67 12.83
N GLY A 145 -41.43 -9.47 13.18
CA GLY A 145 -41.16 -8.94 14.49
C GLY A 145 -39.71 -8.60 14.75
N LYS A 146 -38.91 -8.41 13.70
CA LYS A 146 -37.51 -8.10 13.82
C LYS A 146 -37.20 -6.87 12.97
N ILE A 147 -36.49 -5.90 13.55
CA ILE A 147 -35.94 -4.80 12.78
C ILE A 147 -34.67 -5.29 12.10
N VAL A 148 -34.62 -5.21 10.78
CA VAL A 148 -33.50 -5.72 10.00
C VAL A 148 -33.03 -4.65 9.04
N ILE A 149 -31.78 -4.81 8.58
CA ILE A 149 -31.18 -3.96 7.56
C ILE A 149 -30.94 -4.83 6.33
N ASN A 150 -31.51 -4.44 5.20
CA ASN A 150 -31.31 -5.14 3.94
C ASN A 150 -30.46 -4.30 3.00
N GLY A 151 -29.47 -4.92 2.39
CA GLY A 151 -28.58 -4.24 1.46
C GLY A 151 -28.93 -4.54 0.02
N PHE A 152 -28.81 -3.52 -0.84
CA PHE A 152 -29.18 -3.64 -2.24
C PHE A 152 -28.14 -2.95 -3.11
N ASN A 153 -28.19 -3.27 -4.39
CA ASN A 153 -27.41 -2.58 -5.42
C ASN A 153 -28.42 -1.87 -6.32
N LYS A 154 -28.64 -0.58 -6.05
CA LYS A 154 -29.65 0.17 -6.77
C LYS A 154 -29.34 0.27 -8.27
N VAL A 155 -28.06 0.28 -8.62
CA VAL A 155 -27.68 0.37 -10.03
C VAL A 155 -28.17 -0.83 -10.81
N GLU A 156 -27.95 -2.02 -10.26
CA GLU A 156 -28.37 -3.27 -10.89
C GLU A 156 -29.76 -3.73 -10.47
N ASP A 157 -30.38 -3.03 -9.51
CA ASP A 157 -31.68 -3.42 -8.97
C ASP A 157 -32.39 -2.15 -8.49
N SER A 158 -33.01 -1.45 -9.46
CA SER A 158 -33.64 -0.17 -9.15
C SER A 158 -34.83 -0.34 -8.21
N ALA A 159 -35.58 -1.45 -8.32
CA ALA A 159 -36.75 -1.65 -7.48
C ALA A 159 -36.41 -2.11 -6.08
N LEU A 160 -35.13 -2.39 -5.79
CA LEU A 160 -34.68 -2.84 -4.47
C LEU A 160 -35.42 -4.11 -4.05
N THR A 161 -35.45 -5.09 -4.94
CA THR A 161 -36.13 -6.36 -4.69
C THR A 161 -35.18 -7.53 -4.49
N ARG A 162 -33.89 -7.35 -4.74
CA ARG A 162 -32.91 -8.43 -4.62
C ARG A 162 -32.02 -8.14 -3.41
N VAL A 163 -32.33 -8.79 -2.29
CA VAL A 163 -31.56 -8.61 -1.07
C VAL A 163 -30.20 -9.29 -1.23
N LYS A 164 -29.13 -8.52 -1.13
CA LYS A 164 -27.78 -9.07 -1.17
C LYS A 164 -27.19 -9.29 0.22
N TYR A 165 -27.68 -8.57 1.23
CA TYR A 165 -27.18 -8.70 2.60
C TYR A 165 -28.31 -8.33 3.54
N SER A 166 -28.43 -9.07 4.64
CA SER A 166 -29.48 -8.83 5.62
C SER A 166 -28.90 -8.99 7.02
N LEU A 167 -29.10 -7.97 7.85
CA LEU A 167 -28.61 -7.96 9.23
C LEU A 167 -29.78 -7.77 10.18
N THR A 168 -29.87 -8.64 11.19
CA THR A 168 -30.93 -8.56 12.18
C THR A 168 -30.47 -7.71 13.36
N LEU A 169 -31.18 -6.61 13.62
CA LEU A 169 -30.80 -5.69 14.68
C LEU A 169 -31.41 -6.06 16.02
N GLY A 170 -32.73 -6.21 16.08
CA GLY A 170 -33.39 -6.52 17.33
C GLY A 170 -34.87 -6.76 17.12
N ASP A 171 -35.56 -6.94 18.23
CA ASP A 171 -36.98 -7.26 18.21
C ASP A 171 -37.81 -6.01 17.95
N TYR A 172 -39.02 -6.22 17.41
CA TYR A 172 -39.97 -5.14 17.19
C TYR A 172 -41.37 -5.68 17.44
N ASP A 173 -41.99 -5.25 18.53
CA ASP A 173 -43.30 -5.72 18.93
C ASP A 173 -44.33 -4.62 18.64
N GLY A 174 -44.61 -4.43 17.36
CA GLY A 174 -45.58 -3.43 16.95
C GLY A 174 -46.26 -3.82 15.67
N GLU A 175 -47.36 -3.11 15.37
CA GLU A 175 -48.13 -3.34 14.15
C GLU A 175 -47.81 -2.36 13.05
N ASN A 176 -47.05 -1.31 13.34
CA ASN A 176 -46.65 -0.35 12.31
C ASN A 176 -45.46 -0.88 11.53
N THR A 177 -45.42 -0.53 10.24
CA THR A 177 -44.37 -0.94 9.34
C THR A 177 -43.67 0.27 8.74
N PHE A 178 -42.45 0.06 8.28
CA PHE A 178 -41.68 1.13 7.65
C PHE A 178 -40.55 0.51 6.84
N ASN A 179 -40.04 1.30 5.89
CA ASN A 179 -38.93 0.89 5.03
C ASN A 179 -38.09 2.14 4.80
N PHE A 180 -37.16 2.41 5.71
CA PHE A 180 -36.34 3.62 5.67
C PHE A 180 -35.08 3.34 4.86
N ILE A 181 -34.97 4.00 3.71
CA ILE A 181 -33.92 3.75 2.74
C ILE A 181 -32.79 4.76 2.96
N ILE A 182 -31.56 4.26 3.07
CA ILE A 182 -30.39 5.08 3.37
C ILE A 182 -29.32 4.80 2.32
N ASN A 183 -28.72 5.87 1.80
CA ASN A 183 -27.57 5.73 0.90
C ASN A 183 -26.36 5.29 1.70
N MET A 184 -25.72 4.19 1.25
CA MET A 184 -24.59 3.65 1.98
C MET A 184 -23.43 4.64 2.07
N ALA A 185 -23.32 5.55 1.09
CA ALA A 185 -22.27 6.55 1.12
C ALA A 185 -22.41 7.51 2.29
N ASN A 186 -23.59 7.56 2.91
CA ASN A 186 -23.82 8.43 4.07
C ASN A 186 -23.58 7.73 5.39
N MET A 187 -23.26 6.43 5.38
CA MET A 187 -22.96 5.69 6.61
C MET A 187 -21.50 5.95 6.96
N LYS A 188 -21.27 7.11 7.58
CA LYS A 188 -19.92 7.60 7.87
C LYS A 188 -19.56 7.50 9.35
N MET A 189 -20.31 6.75 10.14
CA MET A 189 -20.05 6.69 11.58
C MET A 189 -18.76 5.94 11.86
N GLN A 190 -18.04 6.39 12.88
CA GLN A 190 -16.83 5.71 13.32
C GLN A 190 -17.19 4.39 13.99
N PRO A 191 -16.23 3.47 14.10
CA PRO A 191 -16.53 2.18 14.74
C PRO A 191 -17.06 2.35 16.15
N GLY A 192 -17.98 1.46 16.53
CA GLY A 192 -18.57 1.48 17.85
C GLY A 192 -20.04 1.11 17.87
N ASN A 193 -20.61 1.01 19.07
CA ASN A 193 -22.03 0.72 19.21
C ASN A 193 -22.85 1.99 18.99
N TYR A 194 -24.08 1.80 18.50
CA TYR A 194 -24.94 2.94 18.20
C TYR A 194 -26.39 2.59 18.51
N LYS A 195 -27.09 3.51 19.16
CA LYS A 195 -28.54 3.47 19.27
C LYS A 195 -29.13 4.14 18.04
N LEU A 196 -30.01 3.43 17.34
CA LEU A 196 -30.56 3.89 16.07
C LEU A 196 -31.94 4.49 16.29
N LEU A 197 -32.07 5.79 16.05
CA LEU A 197 -33.34 6.50 16.15
C LEU A 197 -33.88 6.76 14.77
N LEU A 198 -35.07 6.25 14.49
CA LEU A 198 -35.72 6.40 13.20
C LEU A 198 -36.94 7.31 13.33
N TRP A 199 -37.04 8.29 12.45
CA TRP A 199 -38.15 9.23 12.47
C TRP A 199 -38.60 9.51 11.05
N ALA A 200 -39.92 9.68 10.88
CA ALA A 200 -40.50 9.99 9.58
C ALA A 200 -41.88 10.56 9.79
N LYS A 201 -42.24 11.54 8.96
CA LYS A 201 -43.58 12.14 8.99
C LYS A 201 -43.84 12.76 7.62
N GLY A 202 -44.87 12.27 6.93
CA GLY A 202 -45.11 12.72 5.57
C GLY A 202 -44.00 12.22 4.67
N LYS A 203 -43.48 13.11 3.83
CA LYS A 203 -42.34 12.79 2.97
C LYS A 203 -41.01 13.18 3.61
N GLN A 204 -41.02 13.59 4.87
CA GLN A 204 -39.80 13.89 5.61
C GLN A 204 -39.38 12.69 6.44
N GLY A 205 -38.09 12.66 6.80
CA GLY A 205 -37.57 11.57 7.59
C GLY A 205 -36.06 11.59 7.72
N ALA A 206 -35.55 11.01 8.80
CA ALA A 206 -34.12 10.98 9.05
C ALA A 206 -33.82 9.88 10.07
N ALA A 207 -32.58 9.41 10.04
CA ALA A 207 -32.10 8.41 10.98
C ALA A 207 -30.95 9.00 11.80
N LYS A 208 -31.00 8.82 13.11
CA LYS A 208 -29.98 9.31 14.01
C LYS A 208 -29.25 8.14 14.65
N PHE A 209 -27.92 8.14 14.53
CA PHE A 209 -27.07 7.13 15.15
C PHE A 209 -26.39 7.77 16.35
N GLU A 210 -26.80 7.37 17.55
CA GLU A 210 -26.24 7.90 18.78
C GLU A 210 -25.13 6.99 19.27
N GLY A 211 -23.89 7.50 19.28
CA GLY A 211 -22.74 6.75 19.71
C GLY A 211 -22.20 7.22 21.05
N GLU A 212 -21.16 6.53 21.50
CA GLU A 212 -20.52 6.86 22.77
C GLU A 212 -19.68 8.12 22.71
N HIS A 213 -19.25 8.53 21.51
CA HIS A 213 -18.42 9.72 21.35
C HIS A 213 -19.01 10.74 20.39
N ALA A 214 -19.93 10.36 19.51
CA ALA A 214 -20.49 11.28 18.53
C ALA A 214 -21.83 10.77 18.05
N ASN A 215 -22.65 11.69 17.56
CA ASN A 215 -23.93 11.38 16.94
C ASN A 215 -23.86 11.65 15.45
N TYR A 216 -24.65 10.89 14.69
CA TYR A 216 -24.72 11.04 13.24
C TYR A 216 -26.18 11.05 12.82
N VAL A 217 -26.54 12.01 11.97
CA VAL A 217 -27.89 12.10 11.42
C VAL A 217 -27.78 11.96 9.91
N VAL A 218 -28.60 11.08 9.34
CA VAL A 218 -28.56 10.77 7.91
C VAL A 218 -29.96 10.94 7.35
N ALA A 219 -30.06 11.63 6.21
CA ALA A 219 -31.34 11.79 5.54
C ALA A 219 -31.77 10.48 4.90
N LEU A 220 -33.07 10.36 4.65
CA LEU A 220 -33.65 9.19 4.01
C LEU A 220 -33.85 9.46 2.52
N GLU A 221 -33.81 8.38 1.73
CA GLU A 221 -34.02 8.50 0.30
C GLU A 221 -35.50 8.68 0.00
N ALA A 222 -35.78 9.13 -1.23
CA ALA A 222 -37.14 9.51 -1.60
C ALA A 222 -38.07 8.30 -1.60
N ASP A 223 -37.57 7.11 -1.91
CA ASP A 223 -38.40 5.92 -1.98
C ASP A 223 -38.71 5.33 -0.62
N SER A 224 -38.44 6.04 0.47
CA SER A 224 -38.76 5.54 1.80
C SER A 224 -40.27 5.57 2.03
N THR A 225 -40.77 4.54 2.71
CA THR A 225 -42.18 4.43 3.03
C THR A 225 -42.34 4.09 4.50
N HIS A 226 -43.52 4.43 5.03
CA HIS A 226 -43.84 4.15 6.42
C HIS A 226 -45.35 4.24 6.58
N ASP A 227 -45.83 3.74 7.72
CA ASP A 227 -47.27 3.75 8.02
C ASP A 227 -47.44 3.66 9.53
N PHE A 228 -47.93 4.74 10.14
CA PHE A 228 -48.13 4.76 11.59
C PHE A 228 -49.61 4.90 11.94
N LEU A 229 -50.43 3.95 11.50
CA LEU A 229 -51.84 3.97 11.86
C LEU A 229 -52.11 2.96 12.98
N GLU A 230 -52.00 1.67 12.68
CA GLU A 230 -52.18 0.63 13.69
C GLU A 230 -51.11 0.71 14.78
N MET B 1 -22.57 -26.30 3.95
CA MET B 1 -21.16 -26.67 3.96
C MET B 1 -20.30 -25.53 4.48
N LYS B 2 -19.22 -25.87 5.18
CA LYS B 2 -18.26 -24.90 5.68
C LYS B 2 -16.95 -25.03 4.89
N LEU B 3 -16.21 -23.94 4.81
CA LEU B 3 -14.92 -23.89 4.12
C LEU B 3 -13.87 -23.44 5.12
N SER B 4 -12.94 -24.34 5.46
CA SER B 4 -11.86 -23.99 6.36
C SER B 4 -10.91 -23.00 5.70
N LYS B 5 -10.04 -22.40 6.52
CA LYS B 5 -9.08 -21.43 5.99
C LYS B 5 -7.99 -22.10 5.17
N ASP B 6 -7.78 -23.41 5.33
CA ASP B 6 -6.87 -24.11 4.44
C ASP B 6 -7.46 -24.26 3.05
N THR B 7 -8.77 -24.45 2.96
CA THR B 7 -9.42 -24.58 1.67
C THR B 7 -9.52 -23.22 0.97
N THR B 8 -9.92 -22.18 1.69
CA THR B 8 -10.04 -20.86 1.10
C THR B 8 -8.68 -20.32 0.68
N ALA B 9 -7.60 -20.72 1.36
CA ALA B 9 -6.27 -20.32 0.95
C ALA B 9 -5.89 -20.98 -0.38
N LEU B 10 -6.27 -22.24 -0.56
CA LEU B 10 -6.05 -22.91 -1.84
C LEU B 10 -6.91 -22.27 -2.93
N LEU B 11 -8.19 -22.02 -2.63
CA LEU B 11 -9.06 -21.36 -3.60
C LEU B 11 -8.54 -19.98 -3.97
N LYS B 12 -7.88 -19.30 -3.04
CA LYS B 12 -7.27 -18.00 -3.36
C LYS B 12 -6.12 -18.17 -4.34
N ASN B 13 -5.33 -19.23 -4.19
CA ASN B 13 -4.27 -19.51 -5.15
C ASN B 13 -4.85 -19.90 -6.50
N PHE B 14 -5.95 -20.67 -6.50
CA PHE B 14 -6.58 -21.04 -7.76
C PHE B 14 -7.15 -19.82 -8.48
N ALA B 15 -7.51 -18.78 -7.74
CA ALA B 15 -8.02 -17.55 -8.34
C ALA B 15 -6.96 -16.84 -9.17
N THR B 16 -5.67 -17.06 -8.87
CA THR B 16 -4.61 -16.46 -9.69
C THR B 16 -4.48 -17.16 -11.04
N ILE B 17 -4.94 -18.40 -11.15
CA ILE B 17 -4.93 -19.11 -12.41
C ILE B 17 -6.16 -18.78 -13.25
N ASN B 18 -7.33 -18.74 -12.61
CA ASN B 18 -8.59 -18.41 -13.26
C ASN B 18 -9.43 -17.60 -12.28
N SER B 19 -9.92 -16.44 -12.74
CA SER B 19 -10.74 -15.59 -11.88
C SER B 19 -12.01 -16.28 -11.42
N GLY B 20 -12.49 -17.28 -12.16
CA GLY B 20 -13.64 -18.07 -11.78
C GLY B 20 -13.26 -19.53 -11.54
N ILE B 21 -14.26 -20.29 -11.09
CA ILE B 21 -14.07 -21.70 -10.80
C ILE B 21 -15.43 -22.39 -10.83
N MET B 22 -15.42 -23.70 -11.05
CA MET B 22 -16.62 -24.53 -10.99
C MET B 22 -16.46 -25.49 -9.81
N LEU B 23 -17.26 -25.28 -8.77
CA LEU B 23 -17.25 -26.17 -7.61
C LEU B 23 -18.28 -27.27 -7.79
N LYS B 24 -17.85 -28.51 -7.60
CA LYS B 24 -18.73 -29.67 -7.69
C LYS B 24 -18.68 -30.45 -6.38
N SER B 25 -19.79 -31.13 -6.08
CA SER B 25 -19.91 -31.84 -4.81
C SER B 25 -18.84 -32.90 -4.69
N GLY B 26 -18.22 -32.98 -3.51
CA GLY B 26 -17.16 -33.89 -3.22
C GLY B 26 -16.07 -33.21 -2.42
N GLN B 27 -14.90 -33.83 -2.38
CA GLN B 27 -13.74 -33.30 -1.67
C GLN B 27 -12.59 -33.05 -2.65
N PHE B 28 -12.91 -32.50 -3.81
CA PHE B 28 -11.92 -32.27 -4.87
C PHE B 28 -12.25 -30.97 -5.58
N ILE B 29 -11.23 -30.14 -5.79
CA ILE B 29 -11.36 -28.89 -6.53
C ILE B 29 -10.32 -28.88 -7.64
N MET B 30 -10.66 -28.23 -8.76
CA MET B 30 -9.74 -28.10 -9.87
C MET B 30 -10.09 -26.86 -10.68
N THR B 31 -9.11 -26.38 -11.44
CA THR B 31 -9.30 -25.21 -12.26
C THR B 31 -8.31 -25.25 -13.41
N ARG B 32 -8.57 -24.43 -14.43
CA ARG B 32 -7.70 -24.29 -15.58
C ARG B 32 -7.67 -22.83 -16.01
N ALA B 33 -6.56 -22.43 -16.61
CA ALA B 33 -6.48 -21.10 -17.20
C ALA B 33 -7.45 -20.99 -18.37
N VAL B 34 -7.81 -19.74 -18.71
CA VAL B 34 -8.69 -19.51 -19.85
C VAL B 34 -8.05 -20.03 -21.13
N ASN B 35 -6.74 -19.81 -21.29
CA ASN B 35 -6.03 -20.30 -22.46
C ASN B 35 -5.61 -21.76 -22.34
N GLY B 36 -5.90 -22.42 -21.22
CA GLY B 36 -5.64 -23.82 -21.07
C GLY B 36 -4.19 -24.22 -20.88
N THR B 37 -3.30 -23.25 -20.64
CA THR B 37 -1.88 -23.55 -20.45
C THR B 37 -1.53 -23.91 -19.02
N THR B 38 -2.43 -23.69 -18.07
CA THR B 38 -2.18 -23.96 -16.65
C THR B 38 -3.36 -24.70 -16.06
N TYR B 39 -3.07 -25.72 -15.25
CA TYR B 39 -4.08 -26.54 -14.60
C TYR B 39 -3.70 -26.73 -13.14
N ALA B 40 -4.71 -26.84 -12.28
CA ALA B 40 -4.49 -27.06 -10.86
C ALA B 40 -5.57 -27.99 -10.32
N GLU B 41 -5.21 -28.74 -9.28
CA GLU B 41 -6.11 -29.70 -8.66
C GLU B 41 -5.65 -29.93 -7.23
N ALA B 42 -6.60 -30.30 -6.37
CA ALA B 42 -6.28 -30.53 -4.97
C ALA B 42 -7.41 -31.31 -4.30
N ASN B 43 -7.03 -32.21 -3.39
CA ASN B 43 -7.98 -32.84 -2.50
C ASN B 43 -8.10 -32.00 -1.23
N ILE B 44 -9.32 -31.64 -0.87
CA ILE B 44 -9.56 -30.76 0.27
C ILE B 44 -10.20 -31.56 1.40
N SER B 45 -10.04 -31.03 2.62
CA SER B 45 -10.62 -31.65 3.80
C SER B 45 -12.10 -31.31 3.97
N ASP B 46 -12.57 -30.23 3.36
CA ASP B 46 -13.97 -29.86 3.44
C ASP B 46 -14.77 -30.60 2.38
N VAL B 47 -16.07 -30.72 2.62
CA VAL B 47 -16.98 -31.45 1.74
C VAL B 47 -17.89 -30.44 1.06
N ILE B 48 -17.80 -30.37 -0.27
CA ILE B 48 -18.72 -29.57 -1.06
C ILE B 48 -20.00 -30.38 -1.28
N ASP B 49 -21.16 -29.76 -1.04
CA ASP B 49 -22.43 -30.47 -1.06
C ASP B 49 -23.38 -30.03 -2.17
N PHE B 50 -22.96 -29.14 -3.06
CA PHE B 50 -23.77 -28.82 -4.23
C PHE B 50 -22.86 -28.20 -5.29
N ASP B 51 -23.31 -28.27 -6.54
CA ASP B 51 -22.56 -27.74 -7.66
C ASP B 51 -22.95 -26.28 -7.91
N VAL B 52 -21.94 -25.45 -8.15
CA VAL B 52 -22.17 -24.03 -8.37
C VAL B 52 -20.96 -23.45 -9.11
N ALA B 53 -21.24 -22.50 -10.00
CA ALA B 53 -20.20 -21.75 -10.69
C ALA B 53 -20.04 -20.39 -10.01
N ILE B 54 -18.79 -19.99 -9.78
CA ILE B 54 -18.48 -18.71 -9.14
C ILE B 54 -17.64 -17.91 -10.12
N TYR B 55 -18.19 -16.77 -10.57
CA TYR B 55 -17.50 -15.97 -11.57
C TYR B 55 -16.35 -15.17 -10.97
N ASP B 56 -16.57 -14.55 -9.81
CA ASP B 56 -15.55 -13.76 -9.11
C ASP B 56 -15.16 -14.52 -7.85
N LEU B 57 -14.26 -15.49 -8.01
CA LEU B 57 -13.84 -16.32 -6.89
C LEU B 57 -13.12 -15.51 -5.82
N ASN B 58 -12.27 -14.58 -6.25
CA ASN B 58 -11.52 -13.77 -5.27
C ASN B 58 -12.44 -12.89 -4.45
N GLY B 59 -13.47 -12.31 -5.08
CA GLY B 59 -14.44 -11.54 -4.33
C GLY B 59 -15.29 -12.39 -3.41
N PHE B 60 -15.60 -13.62 -3.84
CA PHE B 60 -16.35 -14.54 -2.98
C PHE B 60 -15.55 -14.91 -1.74
N LEU B 61 -14.25 -15.15 -1.89
CA LEU B 61 -13.42 -15.52 -0.75
C LEU B 61 -13.23 -14.34 0.20
N GLY B 62 -13.14 -13.13 -0.34
CA GLY B 62 -13.02 -11.96 0.52
C GLY B 62 -14.22 -11.78 1.42
N ILE B 63 -15.41 -12.11 0.91
CA ILE B 63 -16.62 -12.03 1.72
C ILE B 63 -16.64 -13.11 2.78
N LEU B 64 -16.08 -14.28 2.49
CA LEU B 64 -16.02 -15.34 3.50
C LEU B 64 -15.17 -14.93 4.69
N SER B 65 -14.21 -14.02 4.48
CA SER B 65 -13.38 -13.52 5.56
C SER B 65 -14.12 -12.51 6.44
N LEU B 66 -15.32 -12.09 6.06
CA LEU B 66 -16.10 -11.13 6.83
C LEU B 66 -17.19 -11.79 7.67
N VAL B 67 -17.24 -13.12 7.68
CA VAL B 67 -18.19 -13.86 8.50
C VAL B 67 -17.41 -14.78 9.44
N ASN B 68 -18.13 -15.37 10.39
CA ASN B 68 -17.51 -16.30 11.32
C ASN B 68 -17.08 -17.58 10.59
N ASP B 69 -16.12 -18.28 11.19
CA ASP B 69 -15.58 -19.48 10.56
C ASP B 69 -16.61 -20.58 10.46
N ASP B 70 -17.56 -20.63 11.40
CA ASP B 70 -18.61 -21.64 11.40
C ASP B 70 -19.84 -21.23 10.59
N ALA B 71 -19.70 -20.25 9.70
CA ALA B 71 -20.81 -19.83 8.88
C ALA B 71 -21.12 -20.91 7.84
N GLU B 72 -22.42 -21.13 7.59
CA GLU B 72 -22.87 -22.18 6.70
C GLU B 72 -23.07 -21.63 5.29
N ILE B 73 -22.53 -22.34 4.31
CA ILE B 73 -22.69 -21.99 2.90
C ILE B 73 -23.65 -23.00 2.28
N SER B 74 -24.75 -22.49 1.72
CA SER B 74 -25.76 -23.34 1.11
C SER B 74 -26.29 -22.66 -0.14
N GLN B 75 -27.12 -23.40 -0.89
CA GLN B 75 -27.72 -22.88 -2.11
C GLN B 75 -29.05 -22.23 -1.75
N SER B 76 -29.21 -20.95 -2.11
CA SER B 76 -30.41 -20.21 -1.77
C SER B 76 -31.60 -20.73 -2.59
N GLU B 77 -32.77 -20.15 -2.32
CA GLU B 77 -34.00 -20.63 -2.97
C GLU B 77 -34.00 -20.33 -4.46
N ASP B 78 -33.43 -19.20 -4.86
CA ASP B 78 -33.41 -18.80 -6.26
C ASP B 78 -32.20 -19.36 -7.01
N GLY B 79 -31.45 -20.27 -6.40
CA GLY B 79 -30.33 -20.91 -7.06
C GLY B 79 -28.99 -20.24 -6.87
N ASN B 80 -28.90 -19.23 -6.01
CA ASN B 80 -27.66 -18.53 -5.75
C ASN B 80 -26.98 -19.12 -4.51
N ILE B 81 -26.01 -18.40 -3.96
CA ILE B 81 -25.22 -18.87 -2.82
C ILE B 81 -25.67 -18.11 -1.59
N LYS B 82 -26.00 -18.85 -0.53
CA LYS B 82 -26.41 -18.28 0.75
C LYS B 82 -25.32 -18.53 1.78
N ILE B 83 -24.88 -17.46 2.43
CA ILE B 83 -23.86 -17.53 3.48
C ILE B 83 -24.54 -17.06 4.76
N ALA B 84 -24.89 -18.01 5.62
CA ALA B 84 -25.63 -17.72 6.85
C ALA B 84 -24.66 -17.52 8.01
N ASP B 85 -24.70 -16.34 8.61
CA ASP B 85 -23.91 -16.02 9.78
C ASP B 85 -24.80 -16.11 11.02
N ALA B 86 -24.30 -15.59 12.15
CA ALA B 86 -25.06 -15.65 13.39
C ALA B 86 -26.32 -14.79 13.32
N ARG B 87 -26.17 -13.52 12.99
CA ARG B 87 -27.30 -12.59 12.89
C ARG B 87 -27.44 -11.98 11.50
N SER B 88 -26.70 -12.47 10.51
CA SER B 88 -26.70 -11.89 9.19
C SER B 88 -26.68 -12.98 8.13
N THR B 89 -27.03 -12.60 6.91
CA THR B 89 -27.04 -13.51 5.77
C THR B 89 -26.49 -12.77 4.55
N ILE B 90 -25.58 -13.42 3.82
CA ILE B 90 -24.98 -12.86 2.62
C ILE B 90 -25.41 -13.71 1.43
N PHE B 91 -25.80 -13.05 0.35
CA PHE B 91 -26.21 -13.72 -0.88
C PHE B 91 -25.19 -13.39 -1.97
N TRP B 92 -24.47 -14.42 -2.43
CA TRP B 92 -23.53 -14.26 -3.52
C TRP B 92 -24.10 -14.86 -4.80
N PRO B 93 -23.96 -14.18 -5.94
CA PRO B 93 -24.61 -14.67 -7.17
C PRO B 93 -23.93 -15.91 -7.71
N ALA B 94 -24.76 -16.89 -8.10
CA ALA B 94 -24.28 -18.08 -8.78
C ALA B 94 -24.15 -17.78 -10.26
N ALA B 95 -22.95 -17.95 -10.80
CA ALA B 95 -22.71 -17.62 -12.19
C ALA B 95 -23.33 -18.67 -13.12
N ASP B 96 -23.78 -18.20 -14.29
CA ASP B 96 -24.14 -19.12 -15.35
C ASP B 96 -22.89 -19.86 -15.81
N PRO B 97 -22.98 -21.17 -16.00
CA PRO B 97 -21.76 -21.95 -16.35
C PRO B 97 -21.10 -21.52 -17.64
N SER B 98 -21.83 -20.86 -18.55
CA SER B 98 -21.26 -20.43 -19.81
C SER B 98 -20.26 -19.30 -19.65
N THR B 99 -20.22 -18.64 -18.48
CA THR B 99 -19.31 -17.53 -18.25
C THR B 99 -18.06 -17.93 -17.48
N VAL B 100 -17.93 -19.20 -17.11
CA VAL B 100 -16.77 -19.68 -16.35
C VAL B 100 -16.11 -20.78 -17.15
N VAL B 101 -14.80 -20.67 -17.34
CA VAL B 101 -14.01 -21.68 -18.04
C VAL B 101 -13.50 -22.68 -17.01
N ALA B 102 -13.90 -23.94 -17.15
CA ALA B 102 -13.54 -24.99 -16.22
C ALA B 102 -13.11 -26.23 -16.99
N PRO B 103 -12.23 -27.05 -16.41
CA PRO B 103 -11.81 -28.26 -17.11
C PRO B 103 -12.93 -29.29 -17.16
N ASN B 104 -13.00 -30.00 -18.29
CA ASN B 104 -14.05 -31.00 -18.47
C ASN B 104 -13.86 -32.20 -17.56
N LYS B 105 -12.65 -32.46 -17.11
CA LYS B 105 -12.33 -33.62 -16.28
C LYS B 105 -10.93 -33.43 -15.70
N PRO B 106 -10.61 -34.12 -14.62
CA PRO B 106 -9.24 -34.06 -14.09
C PRO B 106 -8.25 -34.63 -15.10
N ILE B 107 -7.02 -34.12 -15.04
CA ILE B 107 -5.98 -34.50 -15.99
C ILE B 107 -5.33 -35.80 -15.56
N PRO B 108 -5.39 -36.85 -16.37
CA PRO B 108 -4.60 -38.06 -16.08
C PRO B 108 -3.17 -37.91 -16.60
N PHE B 109 -2.29 -37.38 -15.77
CA PHE B 109 -0.92 -37.12 -16.21
C PHE B 109 -0.21 -38.43 -16.50
N PRO B 110 0.45 -38.58 -17.65
CA PRO B 110 1.10 -39.85 -17.98
C PRO B 110 2.36 -40.09 -17.17
N VAL B 111 3.00 -41.24 -17.38
CA VAL B 111 4.25 -41.55 -16.69
C VAL B 111 5.32 -40.55 -17.11
N ALA B 112 5.97 -39.94 -16.12
CA ALA B 112 6.92 -38.88 -16.40
C ALA B 112 8.16 -39.42 -17.13
N SER B 113 8.67 -38.63 -18.07
CA SER B 113 9.91 -38.98 -18.75
C SER B 113 11.13 -38.73 -17.86
N ALA B 114 11.06 -37.74 -16.98
CA ALA B 114 12.13 -37.43 -16.05
C ALA B 114 11.51 -36.88 -14.77
N VAL B 115 12.12 -37.22 -13.64
CA VAL B 115 11.61 -36.85 -12.33
C VAL B 115 12.67 -36.07 -11.57
N THR B 116 12.29 -34.93 -11.00
CA THR B 116 13.17 -34.14 -10.16
C THR B 116 12.31 -33.40 -9.14
N GLU B 117 12.88 -32.39 -8.49
CA GLU B 117 12.16 -31.64 -7.47
C GLU B 117 12.78 -30.25 -7.36
N ILE B 118 12.05 -29.36 -6.68
CA ILE B 118 12.52 -28.00 -6.42
C ILE B 118 12.12 -27.61 -5.01
N LYS B 119 13.06 -27.06 -4.26
CA LYS B 119 12.81 -26.70 -2.87
C LYS B 119 11.99 -25.41 -2.78
N ALA B 120 11.43 -25.18 -1.59
CA ALA B 120 10.53 -24.03 -1.40
C ALA B 120 11.27 -22.72 -1.57
N GLU B 121 12.43 -22.58 -0.91
CA GLU B 121 13.17 -21.32 -1.01
C GLU B 121 13.72 -21.11 -2.41
N ASP B 122 14.02 -22.19 -3.14
CA ASP B 122 14.47 -22.04 -4.52
C ASP B 122 13.33 -21.59 -5.42
N LEU B 123 12.15 -22.20 -5.28
CA LEU B 123 10.99 -21.75 -6.03
C LEU B 123 10.63 -20.31 -5.68
N GLN B 124 10.74 -19.95 -4.40
CA GLN B 124 10.45 -18.59 -3.99
C GLN B 124 11.41 -17.59 -4.65
N GLN B 125 12.70 -17.93 -4.68
CA GLN B 125 13.67 -17.04 -5.32
C GLN B 125 13.41 -16.90 -6.80
N LEU B 126 13.11 -18.02 -7.48
CA LEU B 126 12.84 -17.97 -8.92
C LEU B 126 11.66 -17.06 -9.24
N LEU B 127 10.61 -17.11 -8.43
CA LEU B 127 9.43 -16.30 -8.70
C LEU B 127 9.70 -14.83 -8.40
N ARG B 128 10.32 -14.54 -7.25
CA ARG B 128 10.53 -13.15 -6.87
C ARG B 128 11.60 -12.47 -7.74
N VAL B 129 12.61 -13.23 -8.17
CA VAL B 129 13.69 -12.65 -8.96
C VAL B 129 13.23 -12.36 -10.39
N SER B 130 12.28 -13.16 -10.90
CA SER B 130 11.89 -13.04 -12.30
C SER B 130 11.41 -11.63 -12.65
N ARG B 131 10.77 -10.94 -11.72
CA ARG B 131 10.33 -9.58 -11.99
C ARG B 131 11.52 -8.61 -12.09
N GLY B 132 12.46 -8.72 -11.15
CA GLY B 132 13.61 -7.84 -11.17
C GLY B 132 14.55 -8.10 -12.33
N LEU B 133 14.68 -9.36 -12.74
CA LEU B 133 15.54 -9.73 -13.85
C LEU B 133 14.81 -9.76 -15.19
N GLN B 134 13.54 -9.37 -15.23
CA GLN B 134 12.74 -9.35 -16.46
C GLN B 134 12.68 -10.74 -17.09
N ILE B 135 12.53 -11.76 -16.25
CA ILE B 135 12.52 -13.15 -16.71
C ILE B 135 11.07 -13.57 -16.98
N ASP B 136 10.79 -13.88 -18.25
CA ASP B 136 9.47 -14.37 -18.65
C ASP B 136 9.51 -15.80 -19.17
N THR B 137 10.68 -16.44 -19.16
CA THR B 137 10.84 -17.76 -19.76
C THR B 137 11.90 -18.53 -19.00
N ILE B 138 11.57 -19.75 -18.59
CA ILE B 138 12.54 -20.65 -17.95
C ILE B 138 12.69 -21.89 -18.80
N ALA B 139 13.85 -22.53 -18.69
CA ALA B 139 14.14 -23.76 -19.41
C ALA B 139 14.70 -24.78 -18.43
N ILE B 140 14.07 -25.94 -18.35
CA ILE B 140 14.52 -27.03 -17.50
C ILE B 140 15.29 -28.00 -18.38
N THR B 141 16.61 -28.02 -18.22
CA THR B 141 17.48 -28.79 -19.09
C THR B 141 18.55 -29.48 -18.26
N VAL B 142 19.43 -30.22 -18.92
CA VAL B 142 20.54 -30.91 -18.30
C VAL B 142 21.83 -30.22 -18.74
N LYS B 143 22.65 -29.82 -17.77
CA LYS B 143 23.92 -29.15 -18.04
C LYS B 143 25.00 -29.81 -17.19
N GLU B 144 25.93 -30.51 -17.83
CA GLU B 144 27.10 -31.11 -17.18
C GLU B 144 26.67 -32.07 -16.06
N GLY B 145 25.70 -32.93 -16.38
CA GLY B 145 25.29 -33.97 -15.47
C GLY B 145 24.31 -33.57 -14.39
N LYS B 146 23.73 -32.36 -14.47
CA LYS B 146 22.78 -31.89 -13.48
C LYS B 146 21.57 -31.27 -14.16
N ILE B 147 20.42 -31.42 -13.54
CA ILE B 147 19.20 -30.77 -14.01
C ILE B 147 19.19 -29.34 -13.48
N VAL B 148 19.15 -28.38 -14.39
CA VAL B 148 19.18 -26.96 -14.02
C VAL B 148 17.96 -26.27 -14.60
N ILE B 149 17.66 -25.10 -14.04
CA ILE B 149 16.63 -24.20 -14.55
C ILE B 149 17.32 -22.89 -14.93
N ASN B 150 17.21 -22.50 -16.18
CA ASN B 150 17.80 -21.27 -16.69
C ASN B 150 16.70 -20.26 -16.98
N GLY B 151 16.88 -19.04 -16.50
CA GLY B 151 15.93 -17.96 -16.73
C GLY B 151 16.41 -17.04 -17.85
N PHE B 152 15.47 -16.63 -18.70
CA PHE B 152 15.77 -15.81 -19.87
C PHE B 152 14.78 -14.66 -19.98
N ASN B 153 15.21 -13.62 -20.69
CA ASN B 153 14.35 -12.51 -21.07
C ASN B 153 14.04 -12.69 -22.55
N LYS B 154 12.89 -13.30 -22.83
CA LYS B 154 12.57 -13.69 -24.21
C LYS B 154 12.39 -12.47 -25.10
N VAL B 155 12.06 -11.31 -24.53
CA VAL B 155 11.86 -10.11 -25.34
C VAL B 155 13.19 -9.63 -25.92
N GLU B 156 14.24 -9.57 -25.10
CA GLU B 156 15.55 -9.14 -25.53
C GLU B 156 16.46 -10.31 -25.92
N ASP B 157 15.93 -11.53 -25.93
CA ASP B 157 16.71 -12.71 -26.28
C ASP B 157 15.80 -13.81 -26.83
N SER B 158 15.43 -13.68 -28.11
CA SER B 158 14.50 -14.66 -28.70
C SER B 158 15.15 -16.03 -28.84
N ALA B 159 16.47 -16.09 -28.95
CA ALA B 159 17.17 -17.36 -29.08
C ALA B 159 17.39 -18.07 -27.75
N LEU B 160 17.12 -17.39 -26.63
CA LEU B 160 17.27 -17.96 -25.29
C LEU B 160 18.70 -18.46 -25.06
N THR B 161 19.66 -17.58 -25.34
CA THR B 161 21.08 -17.90 -25.16
C THR B 161 21.77 -17.04 -24.13
N ARG B 162 21.05 -16.14 -23.45
CA ARG B 162 21.62 -15.27 -22.44
C ARG B 162 20.99 -15.64 -21.10
N VAL B 163 21.68 -16.53 -20.36
CA VAL B 163 21.19 -16.97 -19.07
C VAL B 163 21.33 -15.84 -18.07
N LYS B 164 20.21 -15.39 -17.51
CA LYS B 164 20.21 -14.38 -16.47
C LYS B 164 20.06 -14.96 -15.07
N TYR B 165 19.53 -16.18 -14.96
CA TYR B 165 19.35 -16.86 -13.68
C TYR B 165 19.51 -18.35 -13.91
N SER B 166 20.26 -19.00 -13.03
CA SER B 166 20.50 -20.44 -13.12
C SER B 166 20.29 -21.06 -11.75
N LEU B 167 19.54 -22.16 -11.72
CA LEU B 167 19.22 -22.86 -10.48
C LEU B 167 19.45 -24.35 -10.69
N THR B 168 20.32 -24.93 -9.88
CA THR B 168 20.61 -26.36 -9.96
C THR B 168 19.61 -27.13 -9.11
N LEU B 169 18.84 -28.01 -9.75
CA LEU B 169 17.84 -28.79 -9.05
C LEU B 169 18.40 -30.04 -8.40
N GLY B 170 19.32 -30.73 -9.09
CA GLY B 170 19.89 -31.93 -8.53
C GLY B 170 20.67 -32.69 -9.60
N ASP B 171 21.06 -33.91 -9.25
CA ASP B 171 21.82 -34.76 -10.14
C ASP B 171 20.89 -35.49 -11.11
N TYR B 172 21.40 -35.77 -12.30
CA TYR B 172 20.68 -36.52 -13.31
C TYR B 172 21.63 -37.51 -13.97
N ASP B 173 21.36 -38.80 -13.80
CA ASP B 173 22.22 -39.83 -14.38
C ASP B 173 21.49 -40.56 -15.50
N GLY B 174 21.17 -39.85 -16.57
CA GLY B 174 20.52 -40.45 -17.72
C GLY B 174 21.05 -39.85 -19.00
N GLU B 175 21.11 -40.70 -20.03
CA GLU B 175 21.61 -40.27 -21.34
C GLU B 175 20.61 -39.43 -22.11
N ASN B 176 19.36 -39.31 -21.64
CA ASN B 176 18.36 -38.51 -22.33
C ASN B 176 18.60 -37.03 -22.08
N THR B 177 18.53 -36.24 -23.15
CA THR B 177 18.67 -34.79 -23.07
C THR B 177 17.33 -34.13 -23.38
N PHE B 178 17.10 -32.97 -22.77
CA PHE B 178 15.86 -32.25 -22.97
C PHE B 178 16.07 -30.78 -22.62
N ASN B 179 15.18 -29.94 -23.15
CA ASN B 179 15.17 -28.51 -22.86
C ASN B 179 13.70 -28.07 -22.84
N PHE B 180 13.05 -28.31 -21.70
CA PHE B 180 11.63 -28.00 -21.55
C PHE B 180 11.46 -26.52 -21.21
N ILE B 181 10.79 -25.79 -22.09
CA ILE B 181 10.64 -24.35 -21.97
C ILE B 181 9.25 -24.05 -21.41
N ILE B 182 9.20 -23.19 -20.39
CA ILE B 182 7.97 -22.87 -19.69
C ILE B 182 7.82 -21.36 -19.62
N ASN B 183 6.62 -20.87 -19.91
CA ASN B 183 6.33 -19.46 -19.74
C ASN B 183 6.21 -19.14 -18.25
N MET B 184 6.93 -18.10 -17.80
CA MET B 184 6.92 -17.74 -16.39
C MET B 184 5.53 -17.32 -15.91
N ALA B 185 4.66 -16.87 -16.82
CA ALA B 185 3.30 -16.50 -16.44
C ALA B 185 2.48 -17.70 -15.99
N ASN B 186 2.93 -18.92 -16.25
CA ASN B 186 2.21 -20.13 -15.87
C ASN B 186 2.72 -20.73 -14.57
N MET B 187 3.71 -20.11 -13.92
CA MET B 187 4.25 -20.61 -12.66
C MET B 187 3.45 -20.01 -11.50
N LYS B 188 2.22 -20.50 -11.36
CA LYS B 188 1.27 -19.97 -10.39
C LYS B 188 1.13 -20.84 -9.15
N MET B 189 2.06 -21.76 -8.92
CA MET B 189 1.96 -22.64 -7.75
C MET B 189 2.20 -21.86 -6.46
N GLN B 190 1.50 -22.26 -5.41
CA GLN B 190 1.65 -21.65 -4.10
C GLN B 190 3.00 -22.00 -3.51
N PRO B 191 3.46 -21.22 -2.52
CA PRO B 191 4.78 -21.52 -1.91
C PRO B 191 4.84 -22.92 -1.32
N GLY B 192 6.02 -23.52 -1.42
CA GLY B 192 6.23 -24.85 -0.88
C GLY B 192 7.15 -25.70 -1.74
N ASN B 193 7.40 -26.93 -1.32
CA ASN B 193 8.22 -27.86 -2.09
C ASN B 193 7.35 -28.63 -3.08
N TYR B 194 7.94 -28.95 -4.22
CA TYR B 194 7.22 -29.63 -5.29
C TYR B 194 8.07 -30.71 -5.92
N LYS B 195 7.46 -31.85 -6.18
CA LYS B 195 8.05 -32.90 -7.01
C LYS B 195 7.73 -32.58 -8.45
N LEU B 196 8.77 -32.50 -9.28
CA LEU B 196 8.63 -32.05 -10.67
C LEU B 196 8.63 -33.26 -11.60
N LEU B 197 7.51 -33.48 -12.28
CA LEU B 197 7.38 -34.54 -13.28
C LEU B 197 7.43 -33.91 -14.66
N LEU B 198 8.35 -34.39 -15.49
CA LEU B 198 8.53 -33.88 -16.84
C LEU B 198 8.15 -34.95 -17.85
N TRP B 199 7.24 -34.61 -18.76
CA TRP B 199 6.77 -35.53 -19.78
C TRP B 199 6.79 -34.87 -21.14
N ALA B 200 7.16 -35.63 -22.17
CA ALA B 200 7.20 -35.12 -23.53
C ALA B 200 7.13 -36.29 -24.49
N LYS B 201 6.39 -36.12 -25.58
CA LYS B 201 6.26 -37.16 -26.60
C LYS B 201 5.87 -36.48 -27.91
N GLY B 202 6.75 -36.54 -28.89
CA GLY B 202 6.50 -35.84 -30.14
C GLY B 202 6.59 -34.34 -29.91
N LYS B 203 5.60 -33.61 -30.43
CA LYS B 203 5.51 -32.17 -30.24
C LYS B 203 4.69 -31.79 -29.02
N GLN B 204 4.23 -32.77 -28.25
CA GLN B 204 3.45 -32.53 -27.04
C GLN B 204 4.34 -32.67 -25.81
N GLY B 205 3.94 -32.01 -24.74
CA GLY B 205 4.69 -32.07 -23.49
C GLY B 205 4.03 -31.21 -22.43
N ALA B 206 4.33 -31.56 -21.19
CA ALA B 206 3.81 -30.83 -20.05
C ALA B 206 4.68 -31.13 -18.83
N ALA B 207 4.56 -30.27 -17.81
CA ALA B 207 5.28 -30.43 -16.56
C ALA B 207 4.28 -30.42 -15.41
N LYS B 208 4.46 -31.35 -14.48
CA LYS B 208 3.56 -31.49 -13.33
C LYS B 208 4.34 -31.22 -12.06
N PHE B 209 3.79 -30.35 -11.21
CA PHE B 209 4.37 -30.01 -9.91
C PHE B 209 3.48 -30.61 -8.83
N GLU B 210 4.01 -31.60 -8.11
CA GLU B 210 3.28 -32.26 -7.03
C GLU B 210 3.69 -31.64 -5.70
N GLY B 211 2.77 -30.89 -5.09
CA GLY B 211 3.02 -30.28 -3.80
C GLY B 211 2.33 -31.01 -2.67
N GLU B 212 2.49 -30.45 -1.47
CA GLU B 212 1.90 -31.06 -0.28
C GLU B 212 0.40 -30.89 -0.23
N HIS B 213 -0.14 -29.90 -0.94
CA HIS B 213 -1.57 -29.62 -0.91
C HIS B 213 -2.25 -29.63 -2.26
N ALA B 214 -1.52 -29.38 -3.35
CA ALA B 214 -2.13 -29.30 -4.67
C ALA B 214 -1.14 -29.73 -5.73
N ASN B 215 -1.66 -30.02 -6.92
CA ASN B 215 -0.86 -30.33 -8.09
C ASN B 215 -1.07 -29.26 -9.14
N TYR B 216 -0.02 -28.98 -9.90
CA TYR B 216 -0.06 -27.98 -10.97
C TYR B 216 0.51 -28.59 -12.24
N VAL B 217 -0.23 -28.46 -13.34
CA VAL B 217 0.20 -28.94 -14.65
C VAL B 217 0.37 -27.73 -15.56
N VAL B 218 1.56 -27.60 -16.16
CA VAL B 218 1.90 -26.46 -16.99
C VAL B 218 2.28 -26.96 -18.37
N ALA B 219 1.73 -26.34 -19.40
CA ALA B 219 2.08 -26.70 -20.77
C ALA B 219 3.47 -26.17 -21.11
N LEU B 220 4.12 -26.86 -22.04
CA LEU B 220 5.45 -26.47 -22.52
C LEU B 220 5.31 -25.65 -23.80
N GLU B 221 6.26 -24.73 -23.99
CA GLU B 221 6.25 -23.91 -25.19
C GLU B 221 6.74 -24.72 -26.40
N ALA B 222 6.44 -24.20 -27.59
CA ALA B 222 6.70 -24.95 -28.82
C ALA B 222 8.19 -25.13 -29.08
N ASP B 223 9.03 -24.22 -28.58
CA ASP B 223 10.47 -24.33 -28.79
C ASP B 223 11.11 -25.43 -27.96
N SER B 224 10.34 -26.14 -27.13
CA SER B 224 10.91 -27.21 -26.30
C SER B 224 11.41 -28.36 -27.17
N THR B 225 12.48 -29.00 -26.71
CA THR B 225 13.09 -30.11 -27.41
C THR B 225 13.39 -31.23 -26.43
N HIS B 226 13.55 -32.44 -26.97
CA HIS B 226 13.87 -33.61 -26.17
C HIS B 226 14.33 -34.73 -27.09
N ASP B 227 15.27 -35.53 -26.60
CA ASP B 227 15.80 -36.68 -27.33
C ASP B 227 15.83 -37.87 -26.38
N PHE B 228 15.02 -38.88 -26.66
CA PHE B 228 14.94 -40.07 -25.80
C PHE B 228 15.47 -41.30 -26.53
N MET C 1 32.55 -10.72 -2.95
CA MET C 1 32.22 -9.88 -1.80
C MET C 1 30.85 -10.23 -1.24
N LYS C 2 30.64 -9.91 0.04
CA LYS C 2 29.35 -10.06 0.69
C LYS C 2 28.92 -8.71 1.25
N LEU C 3 27.75 -8.24 0.85
CA LEU C 3 27.21 -6.97 1.32
C LEU C 3 26.15 -7.24 2.38
N SER C 4 26.40 -6.76 3.60
CA SER C 4 25.46 -6.96 4.69
C SER C 4 24.24 -6.07 4.50
N LYS C 5 23.24 -6.27 5.38
CA LYS C 5 22.02 -5.50 5.30
C LYS C 5 22.25 -4.02 5.59
N ASP C 6 23.22 -3.71 6.45
CA ASP C 6 23.54 -2.31 6.72
C ASP C 6 24.11 -1.63 5.49
N THR C 7 25.00 -2.32 4.76
CA THR C 7 25.60 -1.73 3.57
C THR C 7 24.55 -1.53 2.48
N THR C 8 23.71 -2.55 2.24
CA THR C 8 22.67 -2.43 1.22
C THR C 8 21.66 -1.34 1.58
N ALA C 9 21.41 -1.14 2.88
CA ALA C 9 20.55 -0.04 3.30
C ALA C 9 21.19 1.31 2.98
N LEU C 10 22.50 1.44 3.20
CA LEU C 10 23.20 2.65 2.81
C LEU C 10 23.19 2.84 1.30
N LEU C 11 23.46 1.77 0.55
CA LEU C 11 23.44 1.85 -0.90
C LEU C 11 22.04 2.20 -1.42
N LYS C 12 20.99 1.74 -0.74
CA LYS C 12 19.64 2.09 -1.15
C LYS C 12 19.37 3.57 -0.95
N ASN C 13 19.88 4.14 0.15
CA ASN C 13 19.77 5.57 0.35
C ASN C 13 20.58 6.34 -0.68
N PHE C 14 21.76 5.83 -1.04
CA PHE C 14 22.55 6.47 -2.09
C PHE C 14 21.84 6.42 -3.43
N ALA C 15 20.99 5.41 -3.65
CA ALA C 15 20.24 5.30 -4.90
C ALA C 15 19.24 6.44 -5.06
N THR C 16 18.80 7.06 -3.97
CA THR C 16 17.91 8.22 -4.07
C THR C 16 18.65 9.48 -4.49
N ILE C 17 19.98 9.50 -4.36
CA ILE C 17 20.78 10.64 -4.82
C ILE C 17 21.19 10.46 -6.27
N ASN C 18 21.60 9.25 -6.64
CA ASN C 18 22.02 8.93 -8.00
C ASN C 18 21.53 7.54 -8.35
N SER C 19 20.92 7.40 -9.52
CA SER C 19 20.40 6.10 -9.94
C SER C 19 21.51 5.06 -10.06
N GLY C 20 22.73 5.49 -10.34
CA GLY C 20 23.87 4.61 -10.43
C GLY C 20 24.92 4.94 -9.38
N ILE C 21 25.99 4.14 -9.39
CA ILE C 21 27.09 4.33 -8.45
C ILE C 21 28.31 3.64 -9.02
N MET C 22 29.49 4.13 -8.63
CA MET C 22 30.76 3.50 -8.93
C MET C 22 31.30 2.89 -7.64
N LEU C 23 31.44 1.57 -7.61
CA LEU C 23 31.96 0.87 -6.45
C LEU C 23 33.46 0.63 -6.64
N LYS C 24 34.25 1.16 -5.70
CA LYS C 24 35.70 0.97 -5.70
C LYS C 24 36.07 -0.04 -4.62
N SER C 25 37.17 -0.76 -4.88
CA SER C 25 37.63 -1.76 -3.92
C SER C 25 38.06 -1.09 -2.62
N GLY C 26 37.62 -1.67 -1.50
CA GLY C 26 37.91 -1.13 -0.19
C GLY C 26 36.67 -1.16 0.67
N GLN C 27 36.67 -0.32 1.71
CA GLN C 27 35.56 -0.21 2.64
C GLN C 27 34.99 1.21 2.66
N PHE C 28 34.90 1.82 1.48
CA PHE C 28 34.44 3.20 1.35
C PHE C 28 33.55 3.31 0.12
N ILE C 29 32.42 3.98 0.27
CA ILE C 29 31.51 4.25 -0.85
C ILE C 29 31.20 5.74 -0.87
N MET C 30 30.98 6.26 -2.08
CA MET C 30 30.59 7.65 -2.23
C MET C 30 29.80 7.81 -3.53
N THR C 31 29.01 8.86 -3.59
CA THR C 31 28.19 9.13 -4.75
C THR C 31 27.88 10.62 -4.80
N ARG C 32 27.40 11.07 -5.97
CA ARG C 32 26.99 12.44 -6.17
C ARG C 32 25.80 12.48 -7.10
N ALA C 33 24.98 13.51 -6.93
CA ALA C 33 23.89 13.74 -7.86
C ALA C 33 24.44 14.11 -9.23
N VAL C 34 23.65 13.83 -10.28
CA VAL C 34 24.08 14.15 -11.64
C VAL C 34 24.35 15.64 -11.78
N ASN C 35 23.52 16.47 -11.17
CA ASN C 35 23.73 17.92 -11.21
C ASN C 35 24.77 18.39 -10.19
N GLY C 36 25.37 17.48 -9.43
CA GLY C 36 26.44 17.85 -8.51
C GLY C 36 26.02 18.66 -7.31
N THR C 37 24.72 18.76 -7.01
CA THR C 37 24.27 19.52 -5.87
C THR C 37 24.31 18.73 -4.57
N THR C 38 24.40 17.40 -4.64
CA THR C 38 24.36 16.53 -3.48
C THR C 38 25.50 15.53 -3.54
N TYR C 39 26.13 15.29 -2.39
CA TYR C 39 27.22 14.33 -2.27
C TYR C 39 27.03 13.53 -1.00
N ALA C 40 27.37 12.24 -1.07
CA ALA C 40 27.26 11.35 0.09
C ALA C 40 28.46 10.43 0.12
N GLU C 41 28.84 10.03 1.34
CA GLU C 41 29.98 9.15 1.55
C GLU C 41 29.76 8.35 2.82
N ALA C 42 30.38 7.17 2.88
CA ALA C 42 30.21 6.32 4.05
C ALA C 42 31.31 5.27 4.08
N ASN C 43 31.81 5.00 5.29
CA ASN C 43 32.65 3.84 5.53
C ASN C 43 31.76 2.65 5.86
N ILE C 44 31.98 1.53 5.18
CA ILE C 44 31.17 0.35 5.34
C ILE C 44 31.98 -0.73 6.04
N SER C 45 31.27 -1.63 6.73
CA SER C 45 31.91 -2.75 7.41
C SER C 45 32.27 -3.89 6.46
N ASP C 46 31.75 -3.88 5.24
CA ASP C 46 32.07 -4.88 4.24
C ASP C 46 33.24 -4.42 3.38
N VAL C 47 33.87 -5.38 2.71
CA VAL C 47 35.05 -5.12 1.89
C VAL C 47 34.68 -5.34 0.43
N ILE C 48 34.62 -4.26 -0.33
CA ILE C 48 34.52 -4.36 -1.78
C ILE C 48 35.84 -4.85 -2.33
N ASP C 49 35.81 -5.94 -3.10
CA ASP C 49 37.03 -6.57 -3.58
C ASP C 49 37.27 -6.40 -5.07
N PHE C 50 36.40 -5.68 -5.79
CA PHE C 50 36.67 -5.37 -7.19
C PHE C 50 35.88 -4.12 -7.57
N ASP C 51 36.40 -3.39 -8.55
CA ASP C 51 35.75 -2.17 -9.03
C ASP C 51 34.68 -2.52 -10.05
N VAL C 52 33.50 -1.90 -9.90
CA VAL C 52 32.38 -2.17 -10.79
C VAL C 52 31.46 -0.96 -10.77
N ALA C 53 30.93 -0.60 -11.94
CA ALA C 53 29.94 0.45 -12.07
C ALA C 53 28.57 -0.18 -12.28
N ILE C 54 27.57 0.33 -11.57
CA ILE C 54 26.21 -0.20 -11.63
C ILE C 54 25.30 0.92 -12.12
N TYR C 55 24.60 0.66 -13.23
CA TYR C 55 23.74 1.69 -13.82
C TYR C 55 22.42 1.81 -13.06
N ASP C 56 21.78 0.69 -12.75
CA ASP C 56 20.52 0.66 -12.01
C ASP C 56 20.82 0.09 -10.63
N LEU C 57 21.28 0.95 -9.72
CA LEU C 57 21.65 0.50 -8.39
C LEU C 57 20.44 -0.03 -7.62
N ASN C 58 19.30 0.65 -7.74
CA ASN C 58 18.11 0.23 -7.01
C ASN C 58 17.63 -1.14 -7.48
N GLY C 59 17.70 -1.40 -8.78
CA GLY C 59 17.34 -2.72 -9.28
C GLY C 59 18.34 -3.78 -8.84
N PHE C 60 19.62 -3.42 -8.77
CA PHE C 60 20.63 -4.36 -8.30
C PHE C 60 20.42 -4.71 -6.83
N LEU C 61 20.03 -3.72 -6.02
CA LEU C 61 19.79 -3.98 -4.61
C LEU C 61 18.53 -4.80 -4.39
N GLY C 62 17.55 -4.66 -5.28
CA GLY C 62 16.36 -5.49 -5.19
C GLY C 62 16.68 -6.97 -5.36
N ILE C 63 17.64 -7.29 -6.22
CA ILE C 63 18.05 -8.68 -6.41
C ILE C 63 18.79 -9.19 -5.18
N LEU C 64 19.66 -8.35 -4.59
CA LEU C 64 20.43 -8.78 -3.43
C LEU C 64 19.53 -9.15 -2.25
N SER C 65 18.39 -8.47 -2.11
CA SER C 65 17.48 -8.78 -1.02
C SER C 65 16.75 -10.11 -1.23
N LEU C 66 16.88 -10.72 -2.41
CA LEU C 66 16.20 -11.98 -2.69
C LEU C 66 17.12 -13.18 -2.69
N VAL C 67 18.44 -12.99 -2.66
CA VAL C 67 19.38 -14.09 -2.66
C VAL C 67 19.67 -14.52 -1.23
N ASN C 68 20.31 -15.68 -1.07
CA ASN C 68 20.63 -16.18 0.25
C ASN C 68 21.72 -15.32 0.90
N ASP C 69 21.84 -15.44 2.22
CA ASP C 69 22.82 -14.65 2.95
C ASP C 69 24.24 -15.08 2.62
N ASP C 70 24.45 -16.36 2.31
CA ASP C 70 25.78 -16.86 1.97
C ASP C 70 26.13 -16.66 0.51
N ALA C 71 25.34 -15.88 -0.23
CA ALA C 71 25.64 -15.63 -1.64
C ALA C 71 26.83 -14.70 -1.77
N GLU C 72 27.62 -14.93 -2.81
CA GLU C 72 28.85 -14.19 -3.05
C GLU C 72 28.69 -13.35 -4.31
N ILE C 73 29.08 -12.07 -4.21
CA ILE C 73 29.08 -11.16 -5.35
C ILE C 73 30.48 -11.13 -5.92
N SER C 74 30.64 -11.61 -7.16
CA SER C 74 31.93 -11.67 -7.82
C SER C 74 31.80 -11.14 -9.24
N GLN C 75 32.93 -11.11 -9.94
CA GLN C 75 32.98 -10.62 -11.32
C GLN C 75 32.94 -11.81 -12.27
N SER C 76 31.95 -11.82 -13.17
CA SER C 76 31.77 -12.94 -14.06
C SER C 76 32.86 -12.97 -15.13
N GLU C 77 32.85 -14.04 -15.93
CA GLU C 77 33.88 -14.20 -16.95
C GLU C 77 33.79 -13.13 -18.03
N ASP C 78 32.58 -12.79 -18.46
CA ASP C 78 32.40 -11.81 -19.52
C ASP C 78 32.53 -10.38 -19.03
N GLY C 79 32.91 -10.16 -17.78
CA GLY C 79 33.14 -8.82 -17.27
C GLY C 79 31.97 -8.17 -16.59
N ASN C 80 30.94 -8.94 -16.22
CA ASN C 80 29.77 -8.40 -15.55
C ASN C 80 29.76 -8.86 -14.09
N ILE C 81 28.59 -8.78 -13.46
CA ILE C 81 28.44 -9.11 -12.04
C ILE C 81 27.83 -10.49 -11.92
N LYS C 82 28.36 -11.28 -10.97
CA LYS C 82 27.87 -12.62 -10.70
C LYS C 82 27.48 -12.71 -9.23
N ILE C 83 26.21 -13.00 -8.96
CA ILE C 83 25.69 -13.17 -7.61
C ILE C 83 25.27 -14.63 -7.50
N ALA C 84 26.11 -15.46 -6.87
CA ALA C 84 25.89 -16.90 -6.87
C ALA C 84 26.14 -17.47 -5.49
N ASP C 85 25.47 -18.58 -5.20
CA ASP C 85 25.84 -19.44 -4.07
C ASP C 85 26.02 -20.86 -4.58
N ALA C 86 26.01 -21.84 -3.68
CA ALA C 86 26.26 -23.21 -4.12
C ALA C 86 25.10 -23.82 -4.91
N ARG C 87 24.00 -23.10 -5.11
CA ARG C 87 22.83 -23.73 -5.69
C ARG C 87 22.22 -22.90 -6.82
N SER C 88 22.39 -21.58 -6.74
CA SER C 88 21.80 -20.70 -7.74
C SER C 88 22.79 -19.59 -8.10
N THR C 89 22.57 -19.00 -9.27
CA THR C 89 23.43 -17.95 -9.80
C THR C 89 22.58 -16.90 -10.48
N ILE C 90 22.90 -15.63 -10.20
CA ILE C 90 22.22 -14.49 -10.81
C ILE C 90 23.28 -13.60 -11.46
N PHE C 91 23.02 -13.17 -12.69
CA PHE C 91 23.91 -12.30 -13.43
C PHE C 91 23.31 -10.90 -13.52
N TRP C 92 24.15 -9.89 -13.35
CA TRP C 92 23.74 -8.50 -13.45
C TRP C 92 24.75 -7.73 -14.27
N PRO C 93 24.30 -6.89 -15.19
CA PRO C 93 25.24 -6.20 -16.09
C PRO C 93 26.09 -5.19 -15.34
N ALA C 94 27.37 -5.13 -15.72
CA ALA C 94 28.28 -4.11 -15.22
C ALA C 94 28.32 -2.96 -16.22
N ALA C 95 28.14 -1.74 -15.72
CA ALA C 95 28.01 -0.59 -16.60
C ALA C 95 29.38 -0.04 -17.00
N ASP C 96 29.42 0.58 -18.18
CA ASP C 96 30.58 1.34 -18.58
C ASP C 96 30.76 2.51 -17.60
N PRO C 97 31.95 2.67 -17.01
CA PRO C 97 32.14 3.76 -16.04
C PRO C 97 31.82 5.14 -16.59
N SER C 98 31.84 5.33 -17.92
CA SER C 98 31.51 6.61 -18.51
C SER C 98 30.02 6.91 -18.51
N THR C 99 29.18 5.93 -18.17
CA THR C 99 27.73 6.11 -18.17
C THR C 99 27.18 6.36 -16.77
N VAL C 100 28.03 6.44 -15.75
CA VAL C 100 27.61 6.67 -14.38
C VAL C 100 28.39 7.86 -13.83
N VAL C 101 27.68 8.90 -13.41
CA VAL C 101 28.32 10.08 -12.85
C VAL C 101 28.79 9.74 -11.44
N ALA C 102 30.08 9.92 -11.19
CA ALA C 102 30.70 9.63 -9.91
C ALA C 102 31.61 10.77 -9.50
N PRO C 103 31.80 10.98 -8.20
CA PRO C 103 32.69 12.07 -7.76
C PRO C 103 34.13 11.80 -8.16
N ASN C 104 34.82 12.86 -8.60
CA ASN C 104 36.23 12.72 -8.93
C ASN C 104 37.07 12.45 -7.69
N LYS C 105 36.66 12.96 -6.54
CA LYS C 105 37.38 12.76 -5.29
C LYS C 105 36.42 13.04 -4.14
N PRO C 106 36.67 12.48 -2.96
CA PRO C 106 35.80 12.77 -1.81
C PRO C 106 35.94 14.22 -1.36
N ILE C 107 34.90 14.71 -0.70
CA ILE C 107 34.86 16.07 -0.16
C ILE C 107 35.29 15.99 1.30
N PRO C 108 36.48 16.48 1.66
CA PRO C 108 36.91 16.37 3.07
C PRO C 108 36.21 17.36 3.98
N PHE C 109 35.87 18.56 3.50
CA PHE C 109 35.22 19.61 4.28
C PHE C 109 36.07 19.96 5.49
N PRO C 110 37.25 20.55 5.30
CA PRO C 110 38.17 20.76 6.43
C PRO C 110 37.87 22.00 7.26
N VAL C 111 37.01 22.91 6.79
CA VAL C 111 36.71 24.14 7.50
C VAL C 111 35.21 24.35 7.54
N ALA C 112 34.78 25.20 8.48
CA ALA C 112 33.37 25.52 8.63
C ALA C 112 33.22 26.94 9.15
N SER C 113 32.05 27.53 8.88
CA SER C 113 31.72 28.85 9.39
C SER C 113 30.85 28.80 10.63
N ALA C 114 30.05 27.76 10.78
CA ALA C 114 29.22 27.57 11.97
C ALA C 114 28.94 26.09 12.13
N VAL C 115 28.96 25.61 13.37
CA VAL C 115 28.72 24.22 13.69
C VAL C 115 27.47 24.12 14.56
N THR C 116 26.54 23.26 14.16
CA THR C 116 25.34 22.98 14.94
C THR C 116 24.97 21.53 14.71
N GLU C 117 23.74 21.17 15.09
CA GLU C 117 23.30 19.79 14.97
C GLU C 117 21.78 19.74 14.90
N ILE C 118 21.27 18.59 14.48
CA ILE C 118 19.82 18.38 14.38
C ILE C 118 19.52 16.96 14.84
N LYS C 119 18.53 16.83 15.72
CA LYS C 119 18.14 15.52 16.24
C LYS C 119 17.37 14.75 15.18
N ALA C 120 17.36 13.41 15.33
CA ALA C 120 16.67 12.56 14.38
C ALA C 120 15.18 12.90 14.30
N GLU C 121 14.53 13.08 15.46
CA GLU C 121 13.11 13.39 15.45
C GLU C 121 12.82 14.74 14.82
N ASP C 122 13.74 15.70 14.96
CA ASP C 122 13.54 17.00 14.32
C ASP C 122 13.74 16.92 12.82
N LEU C 123 14.76 16.17 12.38
CA LEU C 123 14.94 15.95 10.94
C LEU C 123 13.74 15.21 10.35
N GLN C 124 13.22 14.21 11.08
CA GLN C 124 12.03 13.50 10.63
C GLN C 124 10.84 14.45 10.50
N GLN C 125 10.68 15.36 11.46
CA GLN C 125 9.58 16.31 11.39
C GLN C 125 9.74 17.24 10.19
N LEU C 126 10.95 17.75 9.97
CA LEU C 126 11.20 18.66 8.85
C LEU C 126 10.85 18.00 7.52
N LEU C 127 11.23 16.73 7.35
CA LEU C 127 10.98 16.06 6.08
C LEU C 127 9.49 15.82 5.87
N ARG C 128 8.78 15.43 6.93
CA ARG C 128 7.36 15.11 6.79
C ARG C 128 6.49 16.37 6.71
N VAL C 129 6.84 17.40 7.46
CA VAL C 129 6.07 18.65 7.41
C VAL C 129 6.22 19.32 6.05
N SER C 130 7.42 19.22 5.46
CA SER C 130 7.66 19.88 4.17
C SER C 130 6.76 19.31 3.08
N ARG C 131 6.39 18.04 3.17
CA ARG C 131 5.49 17.46 2.18
C ARG C 131 4.06 17.96 2.37
N GLY C 132 3.64 18.13 3.62
CA GLY C 132 2.29 18.62 3.88
C GLY C 132 2.11 20.09 3.63
N LEU C 133 3.17 20.88 3.80
CA LEU C 133 3.13 22.32 3.56
C LEU C 133 3.73 22.72 2.22
N GLN C 134 4.14 21.75 1.39
CA GLN C 134 4.75 22.01 0.09
C GLN C 134 5.97 22.91 0.23
N ILE C 135 6.79 22.62 1.23
CA ILE C 135 8.04 23.35 1.44
C ILE C 135 9.11 22.76 0.53
N ASP C 136 9.64 23.58 -0.37
CA ASP C 136 10.69 23.15 -1.29
C ASP C 136 12.04 23.78 -0.97
N THR C 137 12.10 24.64 0.05
CA THR C 137 13.30 25.41 0.33
C THR C 137 13.41 25.66 1.83
N ILE C 138 14.58 25.41 2.39
CA ILE C 138 14.85 25.70 3.80
C ILE C 138 15.98 26.73 3.87
N ALA C 139 15.98 27.49 4.97
CA ALA C 139 17.00 28.50 5.22
C ALA C 139 17.49 28.35 6.65
N ILE C 140 18.79 28.14 6.80
CA ILE C 140 19.42 28.07 8.12
C ILE C 140 19.97 29.45 8.45
N THR C 141 19.45 30.06 9.51
CA THR C 141 19.80 31.44 9.84
C THR C 141 19.81 31.60 11.35
N VAL C 142 20.06 32.84 11.79
CA VAL C 142 20.10 33.19 13.20
C VAL C 142 18.92 34.11 13.50
N LYS C 143 18.18 33.81 14.56
CA LYS C 143 17.05 34.63 14.97
C LYS C 143 16.96 34.64 16.49
N GLU C 144 17.12 35.82 17.09
CA GLU C 144 17.02 35.99 18.53
C GLU C 144 18.00 35.09 19.28
N GLY C 145 19.26 35.12 18.84
CA GLY C 145 20.29 34.31 19.46
C GLY C 145 20.11 32.82 19.31
N LYS C 146 19.38 32.39 18.28
CA LYS C 146 19.11 30.98 18.04
C LYS C 146 19.41 30.64 16.58
N ILE C 147 20.03 29.48 16.36
CA ILE C 147 20.13 28.93 15.02
C ILE C 147 18.81 28.22 14.72
N VAL C 148 18.14 28.64 13.65
CA VAL C 148 16.84 28.08 13.29
C VAL C 148 16.85 27.68 11.82
N ILE C 149 15.93 26.80 11.47
CA ILE C 149 15.69 26.38 10.09
C ILE C 149 14.28 26.81 9.72
N ASN C 150 14.16 27.69 8.72
CA ASN C 150 12.88 28.15 8.23
C ASN C 150 12.54 27.47 6.91
N GLY C 151 11.28 27.10 6.74
CA GLY C 151 10.81 26.42 5.54
C GLY C 151 9.93 27.34 4.73
N PHE C 152 10.11 27.32 3.41
CA PHE C 152 9.40 28.20 2.51
C PHE C 152 8.89 27.43 1.30
N ASN C 153 7.96 28.04 0.58
CA ASN C 153 7.47 27.56 -0.71
C ASN C 153 7.97 28.57 -1.75
N LYS C 154 9.17 28.32 -2.29
CA LYS C 154 9.81 29.30 -3.15
C LYS C 154 9.03 29.55 -4.42
N VAL C 155 8.26 28.56 -4.89
CA VAL C 155 7.45 28.74 -6.09
C VAL C 155 6.42 29.83 -5.88
N GLU C 156 5.85 29.92 -4.67
CA GLU C 156 4.89 30.95 -4.32
C GLU C 156 5.49 32.05 -3.47
N ASP C 157 6.81 32.04 -3.28
CA ASP C 157 7.49 32.99 -2.40
C ASP C 157 8.94 33.13 -2.83
N SER C 158 9.18 33.91 -3.89
CA SER C 158 10.52 33.96 -4.48
C SER C 158 11.55 34.53 -3.51
N ALA C 159 11.17 35.56 -2.75
CA ALA C 159 12.10 36.20 -1.83
C ALA C 159 12.21 35.48 -0.49
N LEU C 160 11.48 34.38 -0.30
CA LEU C 160 11.52 33.58 0.92
C LEU C 160 11.18 34.44 2.14
N THR C 161 9.99 35.06 2.09
CA THR C 161 9.54 35.98 3.12
C THR C 161 8.44 35.42 4.01
N ARG C 162 7.76 34.34 3.59
CA ARG C 162 6.65 33.78 4.34
C ARG C 162 7.09 32.45 4.94
N VAL C 163 7.43 32.48 6.23
CA VAL C 163 7.86 31.27 6.93
C VAL C 163 6.64 30.39 7.17
N LYS C 164 6.70 29.15 6.67
CA LYS C 164 5.65 28.18 6.92
C LYS C 164 6.02 27.18 8.00
N TYR C 165 7.30 27.07 8.34
CA TYR C 165 7.77 26.12 9.36
C TYR C 165 9.11 26.61 9.87
N SER C 166 9.28 26.60 11.19
CA SER C 166 10.53 27.04 11.82
C SER C 166 10.93 26.02 12.87
N LEU C 167 12.20 25.60 12.83
CA LEU C 167 12.73 24.60 13.76
C LEU C 167 13.94 25.20 14.45
N THR C 168 13.92 25.21 15.78
CA THR C 168 15.00 25.79 16.58
C THR C 168 16.04 24.71 16.87
N LEU C 169 17.27 24.92 16.38
CA LEU C 169 18.31 23.93 16.58
C LEU C 169 19.03 24.12 17.91
N GLY C 170 19.20 25.37 18.33
CA GLY C 170 19.86 25.64 19.59
C GLY C 170 20.36 27.06 19.65
N ASP C 171 21.04 27.36 20.75
CA ASP C 171 21.58 28.70 20.98
C ASP C 171 22.69 29.02 19.99
N TYR C 172 22.83 30.32 19.69
CA TYR C 172 23.93 30.82 18.87
C TYR C 172 24.55 32.00 19.59
N ASP C 173 25.81 31.84 20.01
CA ASP C 173 26.53 32.86 20.77
C ASP C 173 27.52 33.54 19.84
N GLY C 174 27.01 34.48 19.06
CA GLY C 174 27.86 35.18 18.12
C GLY C 174 27.12 36.30 17.42
N GLU C 175 27.90 37.27 16.95
CA GLU C 175 27.41 38.38 16.13
C GLU C 175 27.44 38.06 14.65
N ASN C 176 28.04 36.95 14.25
CA ASN C 176 27.99 36.53 12.86
C ASN C 176 26.55 36.27 12.43
N THR C 177 26.22 36.68 11.22
CA THR C 177 24.90 36.45 10.64
C THR C 177 25.04 35.68 9.33
N PHE C 178 24.02 34.91 9.00
CA PHE C 178 24.02 34.13 7.78
C PHE C 178 22.61 33.65 7.47
N ASN C 179 22.34 33.43 6.19
CA ASN C 179 21.09 32.84 5.71
C ASN C 179 21.47 31.80 4.66
N PHE C 180 21.64 30.56 5.10
CA PHE C 180 22.09 29.47 4.22
C PHE C 180 20.87 28.76 3.67
N ILE C 181 20.66 28.89 2.37
CA ILE C 181 19.46 28.39 1.70
C ILE C 181 19.78 27.03 1.08
N ILE C 182 18.92 26.05 1.33
CA ILE C 182 19.10 24.68 0.86
C ILE C 182 17.83 24.23 0.16
N ASN C 183 17.99 23.56 -0.99
CA ASN C 183 16.87 22.99 -1.71
C ASN C 183 16.43 21.69 -1.02
N MET C 184 15.13 21.58 -0.75
CA MET C 184 14.62 20.39 -0.06
C MET C 184 14.83 19.13 -0.89
N ALA C 185 14.93 19.26 -2.21
CA ALA C 185 15.18 18.10 -3.06
C ALA C 185 16.55 17.50 -2.83
N ASN C 186 17.46 18.22 -2.17
CA ASN C 186 18.80 17.73 -1.88
C ASN C 186 18.92 17.18 -0.46
N MET C 187 17.86 17.22 0.34
CA MET C 187 17.88 16.70 1.71
C MET C 187 17.56 15.21 1.66
N LYS C 188 18.57 14.44 1.25
CA LYS C 188 18.42 13.00 1.03
C LYS C 188 19.05 12.16 2.14
N MET C 189 19.31 12.75 3.29
CA MET C 189 19.96 12.01 4.37
C MET C 189 19.01 11.00 4.99
N GLN C 190 19.55 9.84 5.35
CA GLN C 190 18.77 8.80 6.00
C GLN C 190 18.41 9.22 7.42
N PRO C 191 17.40 8.60 8.02
CA PRO C 191 17.03 8.95 9.39
C PRO C 191 18.19 8.79 10.36
N GLY C 192 18.24 9.68 11.34
CA GLY C 192 19.30 9.65 12.34
C GLY C 192 19.74 11.03 12.78
N ASN C 193 20.64 11.09 13.76
CA ASN C 193 21.19 12.36 14.21
C ASN C 193 22.32 12.80 13.30
N TYR C 194 22.46 14.12 13.15
CA TYR C 194 23.47 14.70 12.27
C TYR C 194 24.08 15.94 12.90
N LYS C 195 25.41 15.98 12.92
CA LYS C 195 26.12 17.22 13.16
C LYS C 195 26.10 18.04 11.88
N LEU C 196 25.84 19.33 12.02
CA LEU C 196 25.66 20.22 10.87
C LEU C 196 26.81 21.21 10.82
N LEU C 197 27.63 21.12 9.78
CA LEU C 197 28.73 22.04 9.54
C LEU C 197 28.38 22.93 8.36
N LEU C 198 28.30 24.23 8.60
CA LEU C 198 27.93 25.21 7.59
C LEU C 198 29.17 25.99 7.18
N TRP C 199 29.36 26.15 5.87
CA TRP C 199 30.52 26.87 5.36
C TRP C 199 30.09 27.74 4.18
N ALA C 200 30.67 28.94 4.11
CA ALA C 200 30.41 29.87 3.01
C ALA C 200 31.62 30.77 2.86
N LYS C 201 31.87 31.17 1.61
CA LYS C 201 32.98 32.07 1.30
C LYS C 201 32.64 32.78 0.00
N GLY C 202 32.41 34.09 0.07
CA GLY C 202 32.03 34.83 -1.11
C GLY C 202 30.68 34.37 -1.61
N LYS C 203 30.65 33.86 -2.84
CA LYS C 203 29.43 33.32 -3.43
C LYS C 203 29.37 31.80 -3.37
N GLN C 204 30.38 31.15 -2.80
CA GLN C 204 30.40 29.71 -2.64
C GLN C 204 29.91 29.32 -1.25
N GLY C 205 29.28 28.14 -1.17
CA GLY C 205 28.77 27.67 0.10
C GLY C 205 28.35 26.21 0.05
N ALA C 206 28.41 25.54 1.19
CA ALA C 206 28.02 24.14 1.29
C ALA C 206 27.71 23.82 2.74
N ALA C 207 26.86 22.81 2.94
CA ALA C 207 26.48 22.33 4.25
C ALA C 207 26.79 20.85 4.34
N LYS C 208 27.44 20.43 5.43
CA LYS C 208 27.80 19.04 5.64
C LYS C 208 26.97 18.47 6.79
N PHE C 209 26.28 17.36 6.52
CA PHE C 209 25.52 16.64 7.52
C PHE C 209 26.31 15.39 7.90
N GLU C 210 26.91 15.42 9.10
CA GLU C 210 27.76 14.33 9.56
C GLU C 210 26.91 13.38 10.41
N GLY C 211 26.65 12.18 9.88
CA GLY C 211 25.82 11.21 10.54
C GLY C 211 26.61 10.11 11.22
N GLU C 212 25.86 9.17 11.81
CA GLU C 212 26.47 8.04 12.50
C GLU C 212 27.03 7.01 11.54
N HIS C 213 26.47 6.92 10.33
CA HIS C 213 26.90 5.93 9.35
C HIS C 213 27.32 6.53 8.01
N ALA C 214 26.96 7.79 7.73
CA ALA C 214 27.28 8.39 6.45
C ALA C 214 27.33 9.90 6.60
N ASN C 215 27.97 10.54 5.63
CA ASN C 215 28.05 11.99 5.57
C ASN C 215 27.39 12.49 4.29
N TYR C 216 26.80 13.68 4.38
CA TYR C 216 26.13 14.29 3.25
C TYR C 216 26.61 15.73 3.12
N VAL C 217 26.96 16.14 1.90
CA VAL C 217 27.36 17.51 1.59
C VAL C 217 26.36 18.06 0.58
N VAL C 218 25.74 19.19 0.92
CA VAL C 218 24.71 19.80 0.09
C VAL C 218 25.16 21.19 -0.30
N ALA C 219 24.99 21.53 -1.58
CA ALA C 219 25.32 22.86 -2.06
C ALA C 219 24.24 23.86 -1.63
N LEU C 220 24.68 25.09 -1.38
CA LEU C 220 23.76 26.16 -1.03
C LEU C 220 23.27 26.88 -2.28
N GLU C 221 22.05 27.42 -2.18
CA GLU C 221 21.49 28.15 -3.31
C GLU C 221 22.17 29.50 -3.47
N ALA C 222 22.02 30.07 -4.67
CA ALA C 222 22.73 31.31 -5.00
C ALA C 222 22.24 32.48 -4.15
N ASP C 223 20.99 32.47 -3.72
CA ASP C 223 20.43 33.55 -2.91
C ASP C 223 20.90 33.51 -1.46
N SER C 224 21.77 32.57 -1.10
CA SER C 224 22.29 32.53 0.26
C SER C 224 23.15 33.76 0.54
N THR C 225 23.05 34.27 1.76
CA THR C 225 23.84 35.41 2.20
C THR C 225 24.53 35.07 3.52
N HIS C 226 25.56 35.84 3.82
CA HIS C 226 26.27 35.70 5.09
C HIS C 226 27.08 36.95 5.34
N ASP C 227 27.43 37.17 6.61
CA ASP C 227 28.18 38.36 7.01
C ASP C 227 29.07 37.97 8.18
N PHE C 228 30.36 37.80 7.91
CA PHE C 228 31.33 37.40 8.92
C PHE C 228 32.23 38.56 9.36
N LEU C 229 31.75 39.80 9.26
CA LEU C 229 32.54 40.97 9.60
C LEU C 229 32.85 41.05 11.09
N GLU C 230 32.34 40.10 11.86
CA GLU C 230 32.49 40.06 13.31
C GLU C 230 31.88 41.28 13.97
N GLU D 5 -33.51 20.08 0.24
CA GLU D 5 -33.39 18.63 0.09
C GLU D 5 -32.43 18.05 1.13
N GLY D 6 -32.78 16.87 1.64
CA GLY D 6 -31.94 16.19 2.62
C GLY D 6 -32.35 16.50 4.05
N LEU D 7 -31.42 17.06 4.84
CA LEU D 7 -31.68 17.40 6.22
C LEU D 7 -31.98 18.89 6.41
N ASP D 8 -32.44 19.56 5.36
CA ASP D 8 -32.70 20.99 5.45
C ASP D 8 -33.80 21.31 6.44
N PHE D 9 -34.78 20.41 6.60
CA PHE D 9 -35.85 20.64 7.56
C PHE D 9 -35.35 20.59 9.00
N LEU D 10 -34.18 20.03 9.24
CA LEU D 10 -33.55 20.04 10.57
C LEU D 10 -32.47 21.10 10.69
N PHE D 11 -31.82 21.47 9.59
CA PHE D 11 -30.82 22.53 9.63
C PHE D 11 -31.43 23.87 9.99
N ASP D 12 -32.68 24.11 9.60
CA ASP D 12 -33.35 25.37 9.87
C ASP D 12 -34.50 25.18 10.84
N ALA D 13 -34.23 24.49 11.96
CA ALA D 13 -35.25 24.25 12.97
C ALA D 13 -35.12 25.23 14.13
N GLU E 3 1.32 -27.59 -32.60
CA GLU E 3 0.85 -26.20 -32.67
C GLU E 3 -0.16 -25.80 -31.57
N PRO E 4 -0.97 -26.75 -31.07
CA PRO E 4 -1.75 -26.44 -29.86
C PRO E 4 -0.89 -25.88 -28.74
N GLU E 5 -1.43 -24.90 -28.03
CA GLU E 5 -0.72 -24.15 -27.00
C GLU E 5 -0.97 -24.66 -25.59
N GLY E 6 -2.22 -25.01 -25.27
CA GLY E 6 -2.60 -25.38 -23.93
C GLY E 6 -2.52 -26.88 -23.68
N LEU E 7 -3.29 -27.33 -22.68
CA LEU E 7 -3.32 -28.72 -22.24
C LEU E 7 -4.55 -29.44 -22.74
N ASP E 8 -5.00 -29.15 -23.95
CA ASP E 8 -6.19 -29.81 -24.48
C ASP E 8 -5.96 -31.29 -24.74
N PHE E 9 -4.70 -31.68 -25.00
CA PHE E 9 -4.38 -33.09 -25.18
C PHE E 9 -4.51 -33.90 -23.90
N LEU E 10 -4.60 -33.24 -22.75
CA LEU E 10 -4.83 -33.91 -21.47
C LEU E 10 -6.24 -33.72 -20.95
N PHE E 11 -6.88 -32.59 -21.28
CA PHE E 11 -8.27 -32.38 -20.88
C PHE E 11 -9.21 -33.37 -21.56
N ASP E 12 -8.90 -33.76 -22.79
CA ASP E 12 -9.74 -34.70 -23.52
C ASP E 12 -9.30 -36.15 -23.35
N ALA E 13 -7.99 -36.37 -23.24
CA ALA E 13 -7.42 -37.71 -23.06
C ALA E 13 -7.88 -38.68 -24.16
N GLU F 5 27.27 25.17 -10.75
CA GLU F 5 27.52 23.78 -11.09
C GLU F 5 27.52 22.89 -9.85
N GLY F 6 26.81 23.34 -8.82
CA GLY F 6 26.68 22.53 -7.61
C GLY F 6 27.97 22.52 -6.82
N LEU F 7 28.40 21.33 -6.41
CA LEU F 7 29.59 21.15 -5.60
C LEU F 7 30.85 20.95 -6.45
N ASP F 8 30.84 21.39 -7.71
CA ASP F 8 32.00 21.20 -8.56
C ASP F 8 33.21 21.98 -8.09
N PHE F 9 33.01 23.06 -7.32
CA PHE F 9 34.14 23.77 -6.75
C PHE F 9 34.82 22.98 -5.64
N LEU F 10 34.19 21.93 -5.12
CA LEU F 10 34.81 21.01 -4.18
C LEU F 10 35.24 19.70 -4.80
N PHE F 11 34.56 19.26 -5.87
CA PHE F 11 34.98 18.05 -6.57
C PHE F 11 36.28 18.26 -7.32
N ASP F 12 36.53 19.47 -7.80
CA ASP F 12 37.72 19.78 -8.59
C ASP F 12 38.79 20.50 -7.77
N ALA F 13 38.74 20.40 -6.45
CA ALA F 13 39.71 21.06 -5.59
C ALA F 13 41.07 20.36 -5.67
#